data_4U7W
#
_entry.id   4U7W
#
_cell.length_a   51.106
_cell.length_b   159.050
_cell.length_c   51.184
_cell.angle_alpha   90.00
_cell.angle_beta   106.14
_cell.angle_gamma   90.00
#
_symmetry.space_group_name_H-M   'P 1 21 1'
#
loop_
_entity.id
_entity.type
_entity.pdbx_description
1 polymer MxaA
2 non-polymer 'NADPH DIHYDRO-NICOTINAMIDE-ADENINE-DINUCLEOTIDE PHOSPHATE'
3 non-polymer 'ACETATE ION'
4 water water
#
_entity_poly.entity_id   1
_entity_poly.type   'polypeptide(L)'
_entity_poly.pdbx_seq_one_letter_code
;(MSE)GSSHHHHHHSSGLVPRGSH(MSE)SLPAHDVTVE(MSE)EADAVLDAEIALGKALPPVTGALRTILLTGATGFLG
AFLLEELCRRTDARIYCLVRSKTEQEG(MSE)NRIRKNLESYSLWNEALAPRIVPVRGDIGQPLLGLSEKEFQRLSEEID
AIYHNGALVNFLYPYES(MSE)RAANVLGTREILRLATRTRIKPLHYVSTVSVLPLGRKAPIREDEPLEGPSSLVGGYAQ
SKWVAEKLVREASRRGLPVTILRPGRVTGHSRTGAWNTDDLVCRTLKGCVR(MSE)GVAPSVDALLDLTPVDYVSSAIVD
LS(MSE)RPESIGQTYHLVNPQFVRADE(MSE)WNY(MSE)RAFGYGLRVLPYDQWLSELGSAASSDSELGDLL(MSE)F
LQQVPPEDRSVGGPR(MSE)VVCDSGDTLKALGGTGTSCPSVDASLISTYLSSLVHRGFLKAPE
;
_entity_poly.pdbx_strand_id   A,B
#
# COMPACT_ATOMS: atom_id res chain seq x y z
N ASP A 27 4.13 -5.88 -22.46
CA ASP A 27 2.69 -6.11 -22.36
C ASP A 27 2.40 -7.40 -21.60
N VAL A 28 1.67 -7.26 -20.50
CA VAL A 28 1.39 -8.37 -19.62
C VAL A 28 0.58 -9.41 -20.37
N THR A 29 -0.21 -8.95 -21.31
CA THR A 29 -1.05 -9.85 -22.09
C THR A 29 -0.20 -10.86 -22.85
N VAL A 30 1.04 -10.52 -23.19
CA VAL A 30 1.86 -11.46 -23.91
C VAL A 30 2.29 -12.62 -23.02
N GLU A 31 2.43 -12.34 -21.74
CA GLU A 31 2.84 -13.40 -20.83
C GLU A 31 1.64 -14.21 -20.31
N GLU A 33 -1.11 -15.05 -22.27
CA GLU A 33 -1.39 -16.00 -23.34
C GLU A 33 -0.44 -17.19 -23.30
N ALA A 34 0.84 -16.92 -23.07
CA ALA A 34 1.81 -17.99 -23.00
C ALA A 34 1.51 -18.90 -21.82
N ASP A 35 1.04 -18.33 -20.72
CA ASP A 35 0.74 -19.12 -19.53
C ASP A 35 -0.56 -19.91 -19.67
N ALA A 36 -1.47 -19.41 -20.51
CA ALA A 36 -2.78 -20.04 -20.67
C ALA A 36 -2.67 -21.35 -21.45
N VAL A 37 -1.48 -21.63 -21.95
CA VAL A 37 -1.27 -22.89 -22.63
C VAL A 37 -0.99 -23.99 -21.63
N LEU A 38 -1.78 -25.06 -21.73
CA LEU A 38 -1.62 -26.22 -20.87
C LEU A 38 -0.62 -27.18 -21.50
N ASP A 39 0.30 -27.66 -20.67
CA ASP A 39 1.31 -28.60 -21.12
C ASP A 39 0.68 -29.81 -21.76
N ALA A 40 1.26 -30.23 -22.87
CA ALA A 40 0.70 -31.32 -23.65
C ALA A 40 0.51 -32.59 -22.81
N GLU A 41 1.40 -32.83 -21.86
CA GLU A 41 1.33 -34.08 -21.09
C GLU A 41 0.33 -33.98 -19.92
N ILE A 42 -0.42 -32.89 -19.87
CA ILE A 42 -1.51 -32.79 -18.92
C ILE A 42 -2.79 -33.21 -19.62
N ALA A 43 -3.06 -34.50 -19.56
CA ALA A 43 -4.12 -35.13 -20.33
C ALA A 43 -4.52 -36.45 -19.70
N LEU A 44 -5.61 -37.03 -20.19
CA LEU A 44 -6.11 -38.27 -19.61
C LEU A 44 -5.12 -39.38 -19.86
N GLY A 45 -4.57 -39.40 -21.08
CA GLY A 45 -3.59 -40.41 -21.47
C GLY A 45 -4.00 -41.80 -21.06
N LYS A 46 -3.26 -42.36 -20.11
CA LYS A 46 -3.52 -43.70 -19.66
C LYS A 46 -4.00 -43.75 -18.22
N ALA A 47 -4.42 -42.60 -17.70
CA ALA A 47 -4.94 -42.52 -16.35
C ALA A 47 -6.20 -43.38 -16.21
N LEU A 48 -6.31 -44.05 -15.07
CA LEU A 48 -7.47 -44.88 -14.79
C LEU A 48 -8.71 -44.02 -14.67
N PRO A 49 -9.89 -44.63 -14.89
CA PRO A 49 -11.14 -43.89 -14.95
C PRO A 49 -11.48 -43.27 -13.61
N PRO A 50 -12.28 -42.20 -13.63
CA PRO A 50 -12.71 -41.59 -12.38
C PRO A 50 -13.52 -42.55 -11.55
N VAL A 51 -13.56 -42.36 -10.23
CA VAL A 51 -14.42 -43.19 -9.39
C VAL A 51 -15.86 -42.93 -9.74
N THR A 52 -16.68 -43.97 -9.69
CA THR A 52 -18.09 -43.84 -10.02
C THR A 52 -18.95 -43.88 -8.77
N GLY A 53 -18.42 -44.52 -7.73
CA GLY A 53 -19.09 -44.55 -6.45
C GLY A 53 -18.94 -43.23 -5.71
N ALA A 54 -19.43 -43.22 -4.47
CA ALA A 54 -19.32 -42.03 -3.62
C ALA A 54 -17.89 -41.64 -3.30
N LEU A 55 -17.67 -40.39 -2.92
CA LEU A 55 -16.33 -39.91 -2.65
C LEU A 55 -15.84 -40.44 -1.32
N ARG A 56 -14.60 -40.93 -1.31
CA ARG A 56 -14.00 -41.49 -0.11
C ARG A 56 -12.95 -40.53 0.48
N THR A 57 -12.26 -39.83 -0.41
CA THR A 57 -11.30 -38.81 0.01
C THR A 57 -11.34 -37.62 -0.95
N ILE A 58 -11.34 -36.43 -0.37
CA ILE A 58 -11.43 -35.19 -1.11
C ILE A 58 -10.19 -34.32 -0.85
N LEU A 59 -9.67 -33.68 -1.89
CA LEU A 59 -8.64 -32.66 -1.70
C LEU A 59 -9.23 -31.28 -1.82
N LEU A 60 -9.10 -30.50 -0.75
CA LEU A 60 -9.52 -29.11 -0.72
C LEU A 60 -8.29 -28.23 -0.53
N THR A 61 -8.19 -27.19 -1.34
CA THR A 61 -7.21 -26.15 -1.10
C THR A 61 -7.94 -24.92 -0.56
N GLY A 62 -7.21 -24.07 0.16
CA GLY A 62 -7.77 -22.84 0.68
C GLY A 62 -8.59 -23.00 1.95
N ALA A 63 -8.31 -24.04 2.74
CA ALA A 63 -9.08 -24.32 3.97
C ALA A 63 -8.85 -23.29 5.06
N THR A 64 -7.71 -22.60 5.01
CA THR A 64 -7.38 -21.57 5.98
C THR A 64 -7.92 -20.21 5.58
N GLY A 65 -8.71 -20.17 4.53
CA GLY A 65 -9.26 -18.92 4.02
C GLY A 65 -10.72 -18.79 4.36
N PHE A 66 -11.36 -17.73 3.88
CA PHE A 66 -12.75 -17.46 4.16
C PHE A 66 -13.77 -18.50 3.67
N LEU A 67 -13.86 -18.61 2.36
CA LEU A 67 -14.76 -19.57 1.72
C LEU A 67 -14.36 -21.01 1.95
N GLY A 68 -13.06 -21.28 1.95
CA GLY A 68 -12.58 -22.62 2.22
C GLY A 68 -13.07 -23.13 3.55
N ALA A 69 -13.22 -22.23 4.51
CA ALA A 69 -13.69 -22.64 5.84
C ALA A 69 -15.12 -23.18 5.76
N PHE A 70 -15.98 -22.47 5.04
CA PHE A 70 -17.38 -22.88 4.95
C PHE A 70 -17.53 -24.06 3.99
N LEU A 71 -16.62 -24.14 3.04
CA LEU A 71 -16.52 -25.28 2.15
C LEU A 71 -16.15 -26.53 2.93
N LEU A 72 -15.10 -26.41 3.73
CA LEU A 72 -14.63 -27.53 4.51
C LEU A 72 -15.77 -28.04 5.40
N GLU A 73 -16.44 -27.12 6.07
CA GLU A 73 -17.47 -27.51 7.01
C GLU A 73 -18.68 -28.06 6.29
N GLU A 74 -19.01 -27.49 5.14
CA GLU A 74 -20.12 -27.98 4.35
C GLU A 74 -19.84 -29.39 3.86
N LEU A 75 -18.61 -29.63 3.41
CA LEU A 75 -18.21 -30.95 2.89
C LEU A 75 -18.20 -32.03 3.96
N CYS A 76 -17.81 -31.67 5.17
CA CYS A 76 -17.87 -32.61 6.27
C CYS A 76 -19.33 -33.02 6.52
N ARG A 77 -20.23 -32.04 6.48
CA ARG A 77 -21.66 -32.29 6.70
C ARG A 77 -22.31 -33.11 5.61
N ARG A 78 -22.12 -32.71 4.35
CA ARG A 78 -22.86 -33.29 3.25
C ARG A 78 -22.22 -34.56 2.68
N THR A 79 -20.98 -34.84 3.05
CA THR A 79 -20.31 -36.05 2.58
C THR A 79 -19.79 -36.86 3.75
N ASP A 80 -19.30 -38.07 3.46
CA ASP A 80 -18.62 -38.91 4.44
C ASP A 80 -17.19 -39.17 4.03
N ALA A 81 -16.64 -38.30 3.19
CA ALA A 81 -15.27 -38.43 2.72
C ALA A 81 -14.31 -37.77 3.70
N ARG A 82 -13.06 -38.24 3.70
CA ARG A 82 -12.01 -37.61 4.49
C ARG A 82 -11.47 -36.42 3.69
N ILE A 83 -11.49 -35.23 4.29
CA ILE A 83 -11.08 -34.04 3.57
C ILE A 83 -9.60 -33.79 3.77
N TYR A 84 -8.85 -34.01 2.69
CA TYR A 84 -7.44 -33.70 2.65
C TYR A 84 -7.28 -32.21 2.38
N CYS A 85 -6.71 -31.48 3.33
CA CYS A 85 -6.63 -30.03 3.22
C CYS A 85 -5.20 -29.54 3.01
N LEU A 86 -4.92 -28.95 1.85
CA LEU A 86 -3.59 -28.44 1.56
C LEU A 86 -3.36 -27.08 2.22
N VAL A 87 -2.35 -27.00 3.09
CA VAL A 87 -2.11 -25.79 3.86
C VAL A 87 -0.64 -25.40 3.95
N ARG A 88 -0.37 -24.11 3.85
CA ARG A 88 0.99 -23.60 4.04
C ARG A 88 1.36 -23.51 5.51
N SER A 89 2.35 -24.31 5.92
CA SER A 89 2.79 -24.34 7.30
C SER A 89 4.13 -25.05 7.46
N LYS A 90 4.67 -25.03 8.66
CA LYS A 90 5.97 -25.64 8.93
C LYS A 90 5.87 -27.11 9.33
N THR A 91 4.64 -27.61 9.45
CA THR A 91 4.43 -29.01 9.80
C THR A 91 3.20 -29.59 9.13
N GLN A 93 2.05 -31.05 11.73
CA GLN A 93 0.86 -31.05 12.56
C GLN A 93 0.44 -29.62 12.88
N GLU A 94 1.18 -28.67 12.34
CA GLU A 94 0.83 -27.27 12.49
C GLU A 94 -0.29 -26.88 11.54
N GLY A 95 -0.54 -27.71 10.53
CA GLY A 95 -1.54 -27.37 9.54
C GLY A 95 -2.92 -27.44 10.16
N ASN A 97 -3.84 -26.93 13.15
CA ASN A 97 -4.11 -25.86 14.08
C ASN A 97 -4.50 -24.59 13.34
N ARG A 98 -3.86 -24.35 12.19
CA ARG A 98 -4.25 -23.24 11.35
C ARG A 98 -5.68 -23.43 10.87
N ILE A 99 -5.98 -24.62 10.39
CA ILE A 99 -7.32 -25.00 9.99
C ILE A 99 -8.32 -24.84 11.13
N ARG A 100 -8.00 -25.40 12.29
CA ARG A 100 -8.87 -25.34 13.44
C ARG A 100 -9.16 -23.91 13.85
N LYS A 101 -8.10 -23.12 13.99
CA LYS A 101 -8.24 -21.71 14.33
C LYS A 101 -9.14 -20.99 13.33
N ASN A 102 -8.96 -21.30 12.04
CA ASN A 102 -9.68 -20.61 10.99
C ASN A 102 -11.17 -20.86 11.15
N LEU A 103 -11.55 -22.12 11.27
CA LEU A 103 -12.95 -22.44 11.38
C LEU A 103 -13.51 -21.87 12.67
N GLU A 104 -12.69 -21.80 13.70
CA GLU A 104 -13.16 -21.27 14.98
C GLU A 104 -13.48 -19.78 14.87
N SER A 105 -12.76 -19.07 14.01
CA SER A 105 -12.95 -17.62 13.86
C SER A 105 -14.27 -17.31 13.17
N TYR A 106 -14.92 -18.34 12.65
CA TYR A 106 -16.18 -18.19 11.94
C TYR A 106 -17.31 -18.93 12.65
N SER A 107 -17.00 -19.52 13.78
CA SER A 107 -17.97 -20.28 14.55
C SER A 107 -18.36 -21.61 13.89
N LEU A 108 -17.43 -22.21 13.16
CA LEU A 108 -17.71 -23.42 12.38
C LEU A 108 -17.05 -24.69 12.88
N TRP A 109 -16.30 -24.63 13.97
CA TRP A 109 -15.51 -25.79 14.39
C TRP A 109 -16.16 -26.64 15.46
N ASN A 110 -16.07 -27.95 15.32
CA ASN A 110 -16.35 -28.87 16.41
C ASN A 110 -15.24 -29.90 16.45
N GLU A 111 -15.03 -30.53 17.60
CA GLU A 111 -13.96 -31.49 17.71
C GLU A 111 -14.20 -32.69 16.81
N ALA A 112 -15.46 -32.91 16.46
CA ALA A 112 -15.81 -34.05 15.63
C ALA A 112 -15.21 -33.91 14.24
N LEU A 113 -14.86 -32.67 13.89
CA LEU A 113 -14.32 -32.37 12.58
C LEU A 113 -12.89 -32.88 12.44
N ALA A 114 -12.17 -32.91 13.55
CA ALA A 114 -10.76 -33.24 13.55
C ALA A 114 -10.42 -34.54 12.79
N PRO A 115 -11.16 -35.61 13.04
CA PRO A 115 -10.86 -36.89 12.38
C PRO A 115 -11.20 -36.88 10.89
N ARG A 116 -12.02 -35.93 10.47
CA ARG A 116 -12.43 -35.83 9.07
C ARG A 116 -11.38 -35.09 8.26
N ILE A 117 -10.49 -34.41 8.95
CA ILE A 117 -9.57 -33.51 8.27
C ILE A 117 -8.14 -34.01 8.32
N VAL A 118 -7.54 -34.09 7.15
CA VAL A 118 -6.16 -34.53 7.00
C VAL A 118 -5.34 -33.39 6.41
N PRO A 119 -4.68 -32.61 7.29
CA PRO A 119 -3.83 -31.55 6.74
C PRO A 119 -2.70 -32.14 5.89
N VAL A 120 -2.39 -31.46 4.80
CA VAL A 120 -1.27 -31.82 3.96
C VAL A 120 -0.39 -30.60 3.81
N ARG A 121 0.82 -30.63 4.34
CA ARG A 121 1.72 -29.49 4.24
C ARG A 121 2.08 -29.22 2.78
N GLY A 122 1.83 -27.99 2.31
CA GLY A 122 2.10 -27.65 0.92
C GLY A 122 2.11 -26.17 0.58
N ASP A 123 2.36 -25.88 -0.70
CA ASP A 123 2.36 -24.53 -1.24
C ASP A 123 2.03 -24.64 -2.72
N ILE A 124 0.89 -24.12 -3.12
CA ILE A 124 0.46 -24.29 -4.51
C ILE A 124 1.31 -23.46 -5.47
N GLY A 125 2.04 -22.48 -4.94
CA GLY A 125 2.96 -21.69 -5.74
C GLY A 125 4.27 -22.41 -6.06
N GLN A 126 4.35 -23.68 -5.69
CA GLN A 126 5.51 -24.52 -5.95
C GLN A 126 5.14 -25.66 -6.90
N PRO A 127 6.14 -26.22 -7.60
CA PRO A 127 5.83 -27.39 -8.42
C PRO A 127 5.28 -28.53 -7.58
N LEU A 128 4.26 -29.21 -8.08
CA LEU A 128 3.67 -30.36 -7.40
C LEU A 128 3.10 -29.94 -6.07
N LEU A 129 2.62 -28.71 -6.00
CA LEU A 129 2.05 -28.16 -4.77
C LEU A 129 3.02 -28.21 -3.59
N GLY A 130 4.32 -28.17 -3.86
CA GLY A 130 5.32 -28.13 -2.82
C GLY A 130 5.61 -29.48 -2.18
N LEU A 131 5.14 -30.55 -2.81
CA LEU A 131 5.41 -31.90 -2.35
C LEU A 131 6.58 -32.56 -3.09
N SER A 132 7.18 -33.56 -2.48
CA SER A 132 8.17 -34.35 -3.19
C SER A 132 7.49 -35.15 -4.29
N GLU A 133 8.29 -35.71 -5.19
CA GLU A 133 7.78 -36.63 -6.20
C GLU A 133 7.08 -37.80 -5.52
N LYS A 134 7.67 -38.27 -4.42
CA LYS A 134 7.12 -39.38 -3.68
C LYS A 134 5.77 -39.04 -3.07
N GLU A 135 5.66 -37.91 -2.38
CA GLU A 135 4.40 -37.47 -1.79
C GLU A 135 3.31 -37.19 -2.81
N PHE A 136 3.68 -36.60 -3.95
CA PHE A 136 2.72 -36.28 -5.00
C PHE A 136 2.13 -37.55 -5.61
N GLN A 137 2.95 -38.59 -5.73
CA GLN A 137 2.49 -39.84 -6.32
C GLN A 137 1.48 -40.49 -5.41
N ARG A 138 1.75 -40.47 -4.11
CA ARG A 138 0.84 -41.04 -3.12
C ARG A 138 -0.49 -40.29 -3.13
N LEU A 139 -0.43 -38.98 -3.30
CA LEU A 139 -1.63 -38.18 -3.36
C LEU A 139 -2.46 -38.47 -4.59
N SER A 140 -1.79 -38.75 -5.71
CA SER A 140 -2.48 -38.99 -6.97
C SER A 140 -3.19 -40.32 -6.93
N GLU A 141 -2.95 -41.10 -5.87
CA GLU A 141 -3.59 -42.39 -5.72
C GLU A 141 -4.71 -42.38 -4.69
N GLU A 142 -4.60 -41.53 -3.68
CA GLU A 142 -5.56 -41.49 -2.58
C GLU A 142 -6.76 -40.60 -2.89
N ILE A 143 -6.55 -39.53 -3.64
CA ILE A 143 -7.58 -38.52 -3.85
C ILE A 143 -8.57 -38.91 -4.93
N ASP A 144 -9.86 -38.86 -4.59
CA ASP A 144 -10.94 -39.23 -5.51
C ASP A 144 -11.42 -38.03 -6.33
N ALA A 145 -11.55 -36.87 -5.68
CA ALA A 145 -12.04 -35.65 -6.33
C ALA A 145 -11.34 -34.41 -5.77
N ILE A 146 -11.34 -33.32 -6.54
CA ILE A 146 -10.65 -32.11 -6.10
C ILE A 146 -11.54 -30.88 -6.08
N TYR A 147 -11.54 -30.21 -4.93
CA TYR A 147 -12.13 -28.89 -4.83
C TYR A 147 -11.04 -27.85 -4.73
N HIS A 148 -10.75 -27.17 -5.84
CA HIS A 148 -9.66 -26.21 -5.88
C HIS A 148 -10.17 -24.80 -5.60
N ASN A 149 -10.04 -24.40 -4.34
CA ASN A 149 -10.54 -23.13 -3.84
C ASN A 149 -9.40 -22.19 -3.44
N GLY A 150 -8.20 -22.74 -3.30
CA GLY A 150 -7.05 -21.97 -2.86
C GLY A 150 -6.49 -21.05 -3.93
N ALA A 151 -6.21 -19.81 -3.56
CA ALA A 151 -5.65 -18.80 -4.47
C ALA A 151 -5.18 -17.60 -3.67
N LEU A 152 -4.25 -16.84 -4.25
CA LEU A 152 -3.81 -15.60 -3.66
C LEU A 152 -4.73 -14.50 -4.13
N VAL A 153 -5.47 -13.94 -3.20
CA VAL A 153 -6.39 -12.87 -3.51
C VAL A 153 -5.76 -11.57 -3.01
N ASN A 154 -5.46 -10.68 -3.94
CA ASN A 154 -4.80 -9.44 -3.62
C ASN A 154 -5.04 -8.39 -4.70
N PHE A 155 -5.63 -7.27 -4.30
CA PHE A 155 -6.10 -6.29 -5.27
C PHE A 155 -5.12 -5.18 -5.54
N LEU A 156 -3.91 -5.34 -5.05
CA LEU A 156 -2.85 -4.39 -5.35
C LEU A 156 -1.76 -5.02 -6.20
N TYR A 157 -1.37 -6.24 -5.88
CA TYR A 157 -0.27 -6.86 -6.59
C TYR A 157 -0.47 -7.02 -8.10
N PRO A 158 0.61 -6.87 -8.87
CA PRO A 158 0.56 -7.13 -10.31
C PRO A 158 0.46 -8.61 -10.64
N TYR A 159 0.32 -8.90 -11.92
CA TYR A 159 0.18 -10.27 -12.38
C TYR A 159 1.30 -11.19 -11.86
N GLU A 160 2.55 -10.73 -11.87
CA GLU A 160 3.73 -11.55 -11.49
C GLU A 160 3.63 -12.12 -10.09
N SER A 161 3.04 -11.32 -9.21
CA SER A 161 2.87 -11.72 -7.82
C SER A 161 1.98 -12.93 -7.68
N ARG A 163 1.15 -15.04 -10.30
CA ARG A 163 1.45 -16.04 -11.29
C ARG A 163 1.65 -17.43 -10.67
N ALA A 164 2.45 -17.53 -9.62
CA ALA A 164 2.75 -18.85 -9.07
C ALA A 164 1.54 -19.50 -8.43
N ALA A 165 0.96 -18.84 -7.44
CA ALA A 165 -0.15 -19.42 -6.70
C ALA A 165 -1.37 -19.67 -7.58
N ASN A 166 -1.67 -18.72 -8.46
CA ASN A 166 -2.92 -18.75 -9.23
C ASN A 166 -2.78 -19.47 -10.56
N VAL A 167 -1.69 -19.22 -11.26
CA VAL A 167 -1.50 -19.87 -12.54
C VAL A 167 -0.85 -21.22 -12.36
N LEU A 168 0.35 -21.26 -11.78
CA LEU A 168 1.04 -22.52 -11.61
C LEU A 168 0.33 -23.40 -10.59
N GLY A 169 -0.27 -22.78 -9.59
CA GLY A 169 -1.03 -23.52 -8.61
C GLY A 169 -2.15 -24.32 -9.27
N THR A 170 -2.82 -23.70 -10.23
CA THR A 170 -3.92 -24.35 -10.89
C THR A 170 -3.39 -25.39 -11.88
N ARG A 171 -2.24 -25.08 -12.49
CA ARG A 171 -1.59 -25.99 -13.45
C ARG A 171 -1.17 -27.28 -12.77
N GLU A 172 -0.70 -27.16 -11.53
CA GLU A 172 -0.27 -28.33 -10.78
C GLU A 172 -1.47 -29.11 -10.23
N ILE A 173 -2.57 -28.41 -10.00
CA ILE A 173 -3.83 -29.09 -9.68
C ILE A 173 -4.28 -29.96 -10.83
N LEU A 174 -4.25 -29.42 -12.04
CA LEU A 174 -4.62 -30.20 -13.22
C LEU A 174 -3.66 -31.37 -13.40
N ARG A 175 -2.42 -31.19 -12.96
CA ARG A 175 -1.41 -32.22 -13.11
C ARG A 175 -1.73 -33.38 -12.20
N LEU A 176 -2.26 -33.08 -11.03
CA LEU A 176 -2.70 -34.14 -10.11
C LEU A 176 -3.96 -34.81 -10.60
N ALA A 177 -4.88 -33.98 -11.08
CA ALA A 177 -6.17 -34.41 -11.55
C ALA A 177 -6.01 -35.44 -12.66
N THR A 178 -4.87 -35.43 -13.35
CA THR A 178 -4.69 -36.31 -14.48
C THR A 178 -3.61 -37.34 -14.20
N ARG A 179 -3.11 -37.38 -12.98
CA ARG A 179 -1.98 -38.23 -12.65
C ARG A 179 -2.43 -39.52 -11.97
N THR A 180 -2.07 -40.65 -12.59
CA THR A 180 -2.34 -41.98 -12.03
C THR A 180 -3.77 -42.48 -12.22
N ARG A 181 -4.73 -41.65 -11.79
CA ARG A 181 -6.14 -41.92 -12.06
C ARG A 181 -6.90 -40.61 -12.10
N ILE A 182 -7.88 -40.52 -13.00
CA ILE A 182 -8.58 -39.28 -13.23
C ILE A 182 -9.34 -38.86 -11.97
N LYS A 183 -9.32 -37.56 -11.72
CA LYS A 183 -9.99 -36.97 -10.58
C LYS A 183 -10.83 -35.81 -11.07
N PRO A 184 -12.13 -35.84 -10.77
CA PRO A 184 -13.00 -34.71 -11.08
C PRO A 184 -12.52 -33.42 -10.40
N LEU A 185 -12.63 -32.31 -11.11
CA LEU A 185 -12.14 -31.06 -10.60
C LEU A 185 -13.24 -30.03 -10.49
N HIS A 186 -13.49 -29.57 -9.27
CA HIS A 186 -14.46 -28.53 -9.03
C HIS A 186 -13.72 -27.24 -8.74
N TYR A 187 -13.72 -26.37 -9.74
CA TYR A 187 -12.81 -25.25 -9.73
C TYR A 187 -13.51 -23.98 -9.36
N VAL A 188 -13.02 -23.32 -8.32
CA VAL A 188 -13.55 -22.04 -7.89
C VAL A 188 -12.88 -20.91 -8.67
N SER A 189 -13.61 -20.30 -9.59
CA SER A 189 -13.15 -19.17 -10.35
C SER A 189 -13.97 -17.97 -9.82
N THR A 190 -13.85 -16.83 -10.48
CA THR A 190 -14.58 -15.61 -10.11
C THR A 190 -15.24 -14.95 -11.31
N VAL A 191 -16.30 -14.17 -11.08
CA VAL A 191 -16.90 -13.38 -12.18
C VAL A 191 -15.96 -12.24 -12.63
N SER A 192 -14.89 -12.03 -11.90
CA SER A 192 -13.88 -11.01 -12.24
C SER A 192 -13.10 -11.37 -13.50
N VAL A 193 -13.40 -12.52 -14.08
CA VAL A 193 -12.77 -12.94 -15.32
C VAL A 193 -13.52 -12.37 -16.51
N LEU A 194 -14.68 -11.82 -16.23
CA LEU A 194 -15.52 -11.19 -17.23
C LEU A 194 -15.26 -9.68 -17.33
N PRO A 195 -15.28 -9.15 -18.56
CA PRO A 195 -15.04 -7.72 -18.77
C PRO A 195 -16.03 -6.82 -18.04
N LEU A 196 -15.51 -5.76 -17.41
CA LEU A 196 -16.33 -4.73 -16.78
C LEU A 196 -17.00 -3.85 -17.82
N GLY A 197 -17.84 -2.92 -17.36
CA GLY A 197 -18.41 -1.92 -18.22
C GLY A 197 -19.31 -2.48 -19.30
N ARG A 198 -20.14 -3.44 -18.93
CA ARG A 198 -21.03 -4.10 -19.88
C ARG A 198 -22.48 -4.03 -19.43
N LYS A 199 -23.35 -3.57 -20.33
CA LYS A 199 -24.76 -3.42 -20.02
C LYS A 199 -25.54 -4.71 -19.84
N ALA A 200 -25.51 -5.55 -20.87
CA ALA A 200 -26.21 -6.83 -20.84
C ALA A 200 -25.48 -7.78 -19.89
N PRO A 201 -26.24 -8.30 -18.84
CA PRO A 201 -25.50 -9.23 -17.98
C PRO A 201 -24.83 -10.35 -18.78
N ILE A 202 -23.76 -10.94 -18.26
CA ILE A 202 -23.09 -12.00 -18.97
C ILE A 202 -23.70 -13.36 -18.65
N ARG A 203 -24.19 -14.03 -19.68
CA ARG A 203 -24.72 -15.38 -19.54
C ARG A 203 -23.60 -16.34 -19.15
N GLU A 204 -23.97 -17.44 -18.53
CA GLU A 204 -22.98 -18.38 -18.01
C GLU A 204 -22.34 -19.21 -19.11
N ASP A 205 -22.91 -19.17 -20.32
CA ASP A 205 -22.41 -19.99 -21.41
C ASP A 205 -21.53 -19.22 -22.39
N GLU A 206 -21.57 -17.90 -22.33
CA GLU A 206 -20.74 -17.08 -23.22
C GLU A 206 -19.28 -17.42 -22.99
N PRO A 207 -18.51 -17.50 -24.07
CA PRO A 207 -17.11 -17.92 -23.93
C PRO A 207 -16.24 -16.82 -23.35
N LEU A 208 -15.00 -17.16 -23.03
CA LEU A 208 -14.10 -16.19 -22.48
C LEU A 208 -13.55 -15.28 -23.54
N GLU A 209 -13.43 -14.00 -23.17
CA GLU A 209 -12.91 -12.95 -24.03
C GLU A 209 -11.40 -12.86 -24.01
N GLY A 210 -10.91 -11.76 -24.55
CA GLY A 210 -9.49 -11.48 -24.59
C GLY A 210 -8.98 -11.20 -23.20
N PRO A 211 -7.69 -11.45 -23.00
CA PRO A 211 -7.00 -11.12 -21.75
C PRO A 211 -6.97 -9.62 -21.55
N SER A 212 -6.86 -8.90 -22.66
CA SER A 212 -6.69 -7.46 -22.64
C SER A 212 -7.87 -6.73 -22.02
N SER A 213 -9.05 -7.31 -22.07
CA SER A 213 -10.23 -6.63 -21.55
C SER A 213 -10.26 -6.51 -20.03
N LEU A 214 -9.18 -6.96 -19.38
CA LEU A 214 -9.14 -7.19 -17.94
C LEU A 214 -8.21 -6.24 -17.21
N VAL A 215 -8.58 -5.85 -15.99
CA VAL A 215 -7.79 -4.92 -15.21
C VAL A 215 -7.44 -5.46 -13.82
N GLY A 216 -6.18 -5.34 -13.44
CA GLY A 216 -5.70 -5.82 -12.15
C GLY A 216 -4.99 -7.15 -12.29
N GLY A 217 -4.03 -7.43 -11.42
CA GLY A 217 -3.25 -8.65 -11.50
C GLY A 217 -3.97 -9.89 -11.03
N TYR A 218 -4.98 -9.70 -10.19
CA TYR A 218 -5.81 -10.79 -9.67
C TYR A 218 -6.73 -11.36 -10.77
N ALA A 219 -7.55 -10.48 -11.34
CA ALA A 219 -8.43 -10.83 -12.44
C ALA A 219 -7.66 -11.45 -13.58
N GLN A 220 -6.50 -10.88 -13.88
CA GLN A 220 -5.65 -11.38 -14.96
C GLN A 220 -5.20 -12.80 -14.66
N SER A 221 -4.91 -13.08 -13.38
CA SER A 221 -4.39 -14.39 -13.02
C SER A 221 -5.49 -15.45 -13.05
N LYS A 222 -6.68 -15.05 -12.62
CA LYS A 222 -7.82 -15.95 -12.57
C LYS A 222 -8.32 -16.20 -13.98
N TRP A 223 -8.21 -15.19 -14.83
CA TRP A 223 -8.54 -15.37 -16.23
C TRP A 223 -7.68 -16.48 -16.82
N VAL A 224 -6.36 -16.37 -16.65
CA VAL A 224 -5.44 -17.38 -17.14
C VAL A 224 -5.73 -18.76 -16.56
N ALA A 225 -5.96 -18.82 -15.26
CA ALA A 225 -6.26 -20.07 -14.60
C ALA A 225 -7.49 -20.75 -15.21
N GLU A 226 -8.56 -19.99 -15.42
CA GLU A 226 -9.77 -20.56 -15.98
C GLU A 226 -9.53 -21.04 -17.40
N LYS A 227 -8.62 -20.37 -18.11
CA LYS A 227 -8.28 -20.83 -19.45
C LYS A 227 -7.66 -22.20 -19.36
N LEU A 228 -6.78 -22.38 -18.39
CA LEU A 228 -6.11 -23.65 -18.22
C LEU A 228 -7.09 -24.78 -17.94
N VAL A 229 -8.05 -24.49 -17.07
CA VAL A 229 -9.05 -25.45 -16.65
C VAL A 229 -9.97 -25.84 -17.80
N ARG A 230 -10.40 -24.85 -18.58
CA ARG A 230 -11.21 -25.12 -19.76
C ARG A 230 -10.47 -25.99 -20.76
N GLU A 231 -9.16 -25.82 -20.84
CA GLU A 231 -8.38 -26.64 -21.73
C GLU A 231 -8.37 -28.09 -21.24
N ALA A 232 -8.21 -28.28 -19.93
CA ALA A 232 -8.22 -29.61 -19.38
C ALA A 232 -9.57 -30.26 -19.57
N SER A 233 -10.63 -29.47 -19.49
CA SER A 233 -11.98 -29.98 -19.68
C SER A 233 -12.20 -30.47 -21.11
N ARG A 234 -11.74 -29.66 -22.06
CA ARG A 234 -11.78 -29.96 -23.48
C ARG A 234 -10.94 -31.18 -23.79
N ARG A 235 -10.04 -31.53 -22.88
CA ARG A 235 -9.16 -32.68 -23.10
C ARG A 235 -9.68 -33.90 -22.36
N GLY A 236 -10.87 -33.79 -21.76
CA GLY A 236 -11.51 -34.95 -21.16
C GLY A 236 -11.51 -35.07 -19.65
N LEU A 237 -10.86 -34.14 -18.97
CA LEU A 237 -10.94 -34.14 -17.51
C LEU A 237 -12.32 -33.66 -17.10
N PRO A 238 -12.94 -34.36 -16.13
CA PRO A 238 -14.23 -33.95 -15.59
C PRO A 238 -14.11 -32.73 -14.68
N VAL A 239 -14.70 -31.62 -15.11
CA VAL A 239 -14.48 -30.33 -14.49
C VAL A 239 -15.74 -29.50 -14.32
N THR A 240 -15.94 -28.91 -13.15
CA THR A 240 -16.96 -27.87 -13.02
C THR A 240 -16.30 -26.51 -12.69
N ILE A 241 -16.82 -25.45 -13.30
CA ILE A 241 -16.32 -24.10 -13.10
C ILE A 241 -17.37 -23.24 -12.39
N LEU A 242 -17.00 -22.73 -11.23
CA LEU A 242 -17.92 -21.96 -10.40
C LEU A 242 -17.36 -20.57 -10.19
N ARG A 243 -18.09 -19.58 -10.66
CA ARG A 243 -17.69 -18.19 -10.55
C ARG A 243 -18.48 -17.46 -9.49
N PRO A 244 -17.95 -17.36 -8.27
CA PRO A 244 -18.70 -16.59 -7.30
C PRO A 244 -18.76 -15.12 -7.68
N GLY A 245 -19.66 -14.38 -7.06
CA GLY A 245 -19.65 -12.94 -7.11
C GLY A 245 -19.08 -12.48 -5.77
N ARG A 246 -19.35 -11.24 -5.40
CA ARG A 246 -18.86 -10.72 -4.13
C ARG A 246 -19.44 -11.57 -3.01
N VAL A 247 -18.58 -12.34 -2.33
CA VAL A 247 -19.04 -13.22 -1.27
C VAL A 247 -18.94 -12.44 0.02
N THR A 248 -20.02 -12.49 0.80
CA THR A 248 -20.08 -11.75 2.06
C THR A 248 -20.57 -12.69 3.16
N GLY A 249 -20.82 -12.15 4.35
CA GLY A 249 -20.94 -12.95 5.57
C GLY A 249 -22.00 -14.04 5.59
N HIS A 250 -21.82 -15.00 6.48
CA HIS A 250 -22.83 -16.01 6.73
C HIS A 250 -24.14 -15.37 7.16
N SER A 251 -25.23 -15.69 6.48
CA SER A 251 -26.47 -14.94 6.65
C SER A 251 -27.16 -15.11 7.99
N ARG A 252 -26.82 -16.15 8.74
CA ARG A 252 -27.39 -16.34 10.08
C ARG A 252 -26.47 -15.79 11.16
N THR A 253 -25.24 -16.28 11.19
CA THR A 253 -24.31 -15.86 12.23
C THR A 253 -23.65 -14.55 11.89
N GLY A 254 -23.65 -14.20 10.62
CA GLY A 254 -22.98 -12.99 10.17
C GLY A 254 -21.47 -13.14 10.11
N ALA A 255 -20.95 -14.33 10.39
CA ALA A 255 -19.49 -14.56 10.39
C ALA A 255 -18.89 -14.10 9.08
N TRP A 256 -17.83 -13.30 9.18
CA TRP A 256 -17.30 -12.61 8.02
C TRP A 256 -15.84 -12.24 8.23
N ASN A 257 -15.07 -12.29 7.14
CA ASN A 257 -13.67 -11.89 7.17
C ASN A 257 -13.55 -10.37 7.23
N THR A 258 -13.00 -9.85 8.32
CA THR A 258 -12.92 -8.40 8.47
C THR A 258 -11.83 -7.77 7.61
N ASP A 259 -10.91 -8.58 7.09
CA ASP A 259 -9.84 -8.10 6.18
C ASP A 259 -10.38 -7.91 4.79
N ASP A 260 -11.68 -8.15 4.66
CA ASP A 260 -12.45 -7.99 3.45
C ASP A 260 -12.55 -6.54 3.04
N LEU A 261 -12.33 -6.27 1.76
CA LEU A 261 -12.39 -4.91 1.26
C LEU A 261 -13.76 -4.30 1.50
N VAL A 262 -14.80 -5.10 1.33
CA VAL A 262 -16.15 -4.62 1.61
C VAL A 262 -16.25 -4.20 3.07
N CYS A 263 -15.72 -5.04 3.95
CA CYS A 263 -15.64 -4.72 5.36
C CYS A 263 -14.77 -3.51 5.64
N ARG A 264 -13.64 -3.40 4.94
CA ARG A 264 -12.79 -2.23 5.08
C ARG A 264 -13.58 -0.99 4.73
N THR A 265 -14.21 -1.03 3.55
CA THR A 265 -14.96 0.10 3.03
C THR A 265 -16.09 0.50 3.95
N LEU A 266 -16.72 -0.49 4.59
CA LEU A 266 -17.82 -0.24 5.51
C LEU A 266 -17.39 0.54 6.72
N LYS A 267 -16.28 0.13 7.31
CA LYS A 267 -15.75 0.83 8.47
C LYS A 267 -15.38 2.24 8.04
N GLY A 268 -14.72 2.34 6.90
CA GLY A 268 -14.36 3.62 6.33
C GLY A 268 -15.51 4.59 6.37
N CYS A 269 -16.61 4.25 5.70
CA CYS A 269 -17.76 5.14 5.59
C CYS A 269 -18.38 5.45 6.95
N VAL A 270 -18.44 4.44 7.79
CA VAL A 270 -18.95 4.60 9.13
C VAL A 270 -18.13 5.66 9.84
N ARG A 271 -16.86 5.34 9.99
CA ARG A 271 -15.97 6.13 10.80
C ARG A 271 -15.89 7.60 10.39
N GLY A 273 -18.59 8.91 8.55
CA GLY A 273 -19.99 9.27 8.43
C GLY A 273 -20.45 9.80 7.09
N VAL A 274 -19.94 9.21 6.01
CA VAL A 274 -20.38 9.60 4.67
C VAL A 274 -20.12 8.47 3.67
N ALA A 275 -21.07 8.28 2.77
CA ALA A 275 -20.97 7.22 1.79
C ALA A 275 -21.09 7.75 0.35
N PRO A 276 -20.56 7.00 -0.62
CA PRO A 276 -20.64 7.40 -2.03
C PRO A 276 -21.93 7.00 -2.75
N SER A 277 -22.32 7.81 -3.73
CA SER A 277 -23.35 7.43 -4.69
C SER A 277 -22.69 6.70 -5.84
N VAL A 278 -23.21 5.52 -6.15
CA VAL A 278 -22.72 4.78 -7.29
C VAL A 278 -23.92 4.27 -8.07
N ASP A 279 -23.78 4.30 -9.39
CA ASP A 279 -24.90 3.96 -10.26
C ASP A 279 -24.89 2.49 -10.56
N ALA A 280 -23.83 1.81 -10.15
CA ALA A 280 -23.74 0.38 -10.38
C ALA A 280 -24.62 -0.39 -9.40
N LEU A 281 -25.21 -1.47 -9.92
CA LEU A 281 -26.02 -2.38 -9.14
C LEU A 281 -25.13 -3.28 -8.32
N LEU A 282 -25.45 -3.45 -7.06
CA LEU A 282 -24.55 -4.14 -6.11
C LEU A 282 -24.95 -5.59 -5.88
N ASP A 283 -23.94 -6.46 -5.90
CA ASP A 283 -24.14 -7.87 -5.63
C ASP A 283 -23.56 -8.28 -4.29
N LEU A 284 -24.37 -8.90 -3.44
CA LEU A 284 -23.90 -9.45 -2.18
C LEU A 284 -24.36 -10.90 -2.03
N THR A 285 -23.42 -11.84 -2.09
CA THR A 285 -23.73 -13.26 -1.99
C THR A 285 -23.22 -13.86 -0.69
N PRO A 286 -24.10 -14.09 0.29
CA PRO A 286 -23.67 -14.74 1.53
C PRO A 286 -22.86 -16.02 1.29
N VAL A 287 -21.84 -16.23 2.09
CA VAL A 287 -20.92 -17.32 1.88
C VAL A 287 -21.58 -18.68 2.06
N ASP A 288 -22.62 -18.73 2.88
CA ASP A 288 -23.29 -20.00 3.14
C ASP A 288 -24.09 -20.44 1.91
N TYR A 289 -24.58 -19.49 1.14
CA TYR A 289 -25.14 -19.83 -0.16
C TYR A 289 -24.04 -20.35 -1.09
N VAL A 290 -23.01 -19.52 -1.30
CA VAL A 290 -21.90 -19.87 -2.17
C VAL A 290 -21.36 -21.26 -1.86
N SER A 291 -21.12 -21.57 -0.60
CA SER A 291 -20.59 -22.88 -0.26
C SER A 291 -21.61 -24.00 -0.43
N SER A 292 -22.87 -23.75 -0.13
CA SER A 292 -23.90 -24.77 -0.35
C SER A 292 -24.00 -25.06 -1.83
N ALA A 293 -24.00 -23.98 -2.60
CA ALA A 293 -24.12 -24.06 -4.04
C ALA A 293 -22.99 -24.88 -4.65
N ILE A 294 -21.75 -24.60 -4.24
CA ILE A 294 -20.60 -25.34 -4.71
C ILE A 294 -20.76 -26.83 -4.49
N VAL A 295 -21.12 -27.23 -3.27
CA VAL A 295 -21.27 -28.64 -2.97
C VAL A 295 -22.41 -29.24 -3.77
N ASP A 296 -23.56 -28.56 -3.76
CA ASP A 296 -24.73 -29.03 -4.49
C ASP A 296 -24.43 -29.25 -5.97
N LEU A 297 -23.86 -28.24 -6.61
CA LEU A 297 -23.56 -28.35 -8.02
C LEU A 297 -22.49 -29.41 -8.27
N SER A 298 -21.57 -29.57 -7.34
CA SER A 298 -20.50 -30.52 -7.52
C SER A 298 -21.01 -31.96 -7.47
N ARG A 300 -23.79 -33.05 -8.80
CA ARG A 300 -24.63 -33.35 -9.95
C ARG A 300 -23.81 -33.71 -11.18
N PRO A 301 -24.08 -34.89 -11.77
CA PRO A 301 -23.39 -35.30 -13.01
C PRO A 301 -23.65 -34.32 -14.14
N GLU A 302 -24.80 -33.65 -14.10
CA GLU A 302 -25.17 -32.68 -15.12
C GLU A 302 -24.27 -31.44 -15.10
N SER A 303 -23.51 -31.28 -14.02
CA SER A 303 -22.66 -30.10 -13.83
C SER A 303 -21.33 -30.21 -14.57
N ILE A 304 -20.90 -31.42 -14.84
CA ILE A 304 -19.66 -31.66 -15.52
C ILE A 304 -19.65 -30.89 -16.82
N GLY A 305 -18.56 -30.16 -17.05
CA GLY A 305 -18.42 -29.41 -18.26
C GLY A 305 -19.08 -28.05 -18.21
N GLN A 306 -19.74 -27.74 -17.09
CA GLN A 306 -20.57 -26.55 -16.99
C GLN A 306 -19.97 -25.41 -16.16
N THR A 307 -20.46 -24.20 -16.42
CA THR A 307 -20.07 -23.00 -15.70
C THR A 307 -21.28 -22.42 -14.99
N TYR A 308 -21.07 -21.98 -13.77
CA TYR A 308 -22.16 -21.41 -12.97
C TYR A 308 -21.74 -20.12 -12.31
N HIS A 309 -22.63 -19.14 -12.38
CA HIS A 309 -22.42 -17.86 -11.71
C HIS A 309 -23.07 -17.89 -10.35
N LEU A 310 -22.26 -17.97 -9.31
CA LEU A 310 -22.79 -18.08 -7.97
C LEU A 310 -22.78 -16.62 -7.53
N VAL A 311 -23.78 -15.87 -8.00
CA VAL A 311 -24.07 -14.53 -7.51
C VAL A 311 -25.49 -14.44 -6.98
N ASN A 312 -25.81 -13.34 -6.33
CA ASN A 312 -27.16 -13.13 -5.82
C ASN A 312 -28.14 -12.89 -6.97
N PRO A 313 -29.22 -13.67 -7.03
CA PRO A 313 -30.21 -13.41 -8.08
C PRO A 313 -30.78 -11.99 -7.98
N GLN A 314 -30.67 -11.41 -6.83
CA GLN A 314 -31.31 -10.10 -6.62
C GLN A 314 -30.29 -8.98 -6.36
N PHE A 315 -30.20 -8.01 -7.10
CA PHE A 315 -29.19 -6.97 -6.96
C PHE A 315 -29.71 -5.81 -6.11
N VAL A 316 -28.80 -5.08 -5.47
CA VAL A 316 -29.16 -3.94 -4.62
C VAL A 316 -28.54 -2.64 -5.12
N ARG A 317 -29.21 -1.53 -4.90
CA ARG A 317 -28.72 -0.22 -5.29
C ARG A 317 -27.84 0.39 -4.21
N ALA A 318 -27.02 1.38 -4.58
CA ALA A 318 -26.13 2.04 -3.65
C ALA A 318 -26.88 2.55 -2.43
N ASP A 319 -27.80 3.47 -2.68
CA ASP A 319 -28.50 4.16 -1.61
C ASP A 319 -29.27 3.21 -0.69
N GLU A 320 -29.70 2.08 -1.22
CA GLU A 320 -30.46 1.13 -0.42
C GLU A 320 -29.62 0.59 0.73
N TRP A 322 -27.19 2.07 2.11
CA TRP A 322 -27.03 3.18 3.05
C TRP A 322 -28.25 3.28 3.96
N ASN A 323 -29.44 3.13 3.38
CA ASN A 323 -30.64 3.15 4.19
C ASN A 323 -30.60 2.04 5.24
N TYR A 324 -30.19 0.85 4.84
CA TYR A 324 -30.12 -0.27 5.77
C TYR A 324 -29.19 0.02 6.92
N ARG A 326 -28.22 3.14 8.07
CA ARG A 326 -28.74 4.16 8.97
C ARG A 326 -29.67 3.50 9.97
N ALA A 327 -30.50 2.57 9.48
CA ALA A 327 -31.49 1.92 10.33
C ALA A 327 -30.85 1.18 11.51
N PHE A 328 -29.63 0.68 11.32
CA PHE A 328 -28.91 0.00 12.38
C PHE A 328 -28.45 1.03 13.39
N GLY A 329 -28.31 2.26 12.91
CA GLY A 329 -27.95 3.35 13.80
C GLY A 329 -26.83 4.26 13.36
N TYR A 330 -26.15 3.91 12.28
CA TYR A 330 -24.99 4.69 11.83
C TYR A 330 -25.41 5.83 10.91
N GLY A 331 -24.97 7.04 11.22
CA GLY A 331 -25.21 8.19 10.39
C GLY A 331 -24.33 8.17 9.16
N LEU A 332 -24.89 8.61 8.03
CA LEU A 332 -24.15 8.61 6.78
C LEU A 332 -24.62 9.69 5.83
N ARG A 333 -23.81 10.75 5.68
CA ARG A 333 -24.05 11.69 4.62
C ARG A 333 -23.76 10.99 3.31
N VAL A 334 -24.52 11.32 2.26
CA VAL A 334 -24.31 10.69 0.97
C VAL A 334 -23.68 11.66 -0.01
N LEU A 335 -22.54 11.26 -0.58
CA LEU A 335 -21.80 12.10 -1.53
C LEU A 335 -21.56 11.39 -2.85
N PRO A 336 -21.44 12.15 -3.94
CA PRO A 336 -21.01 11.58 -5.22
C PRO A 336 -19.69 10.86 -5.02
N TYR A 337 -19.42 9.83 -5.81
CA TYR A 337 -18.26 9.00 -5.57
C TYR A 337 -16.97 9.82 -5.55
N ASP A 338 -16.82 10.67 -6.55
CA ASP A 338 -15.67 11.55 -6.66
C ASP A 338 -15.41 12.37 -5.40
N GLN A 339 -16.42 13.10 -4.97
CA GLN A 339 -16.30 13.95 -3.80
C GLN A 339 -16.08 13.10 -2.56
N TRP A 340 -16.44 11.83 -2.65
CA TRP A 340 -16.31 10.95 -1.50
C TRP A 340 -14.87 10.44 -1.39
N LEU A 341 -14.23 10.15 -2.52
CA LEU A 341 -12.83 9.75 -2.51
C LEU A 341 -11.94 10.87 -1.98
N SER A 342 -12.29 12.11 -2.34
CA SER A 342 -11.59 13.30 -1.88
C SER A 342 -11.59 13.37 -0.37
N GLU A 343 -12.77 13.26 0.22
CA GLU A 343 -12.88 13.27 1.68
C GLU A 343 -12.10 12.11 2.30
N LEU A 344 -12.07 10.99 1.60
CA LEU A 344 -11.28 9.85 2.01
C LEU A 344 -9.80 10.20 1.99
N GLY A 345 -9.37 10.81 0.90
CA GLY A 345 -8.00 11.26 0.78
C GLY A 345 -7.60 12.12 1.97
N SER A 346 -8.42 13.11 2.28
CA SER A 346 -8.10 14.00 3.39
C SER A 346 -8.02 13.21 4.68
N ALA A 347 -9.06 12.44 4.96
CA ALA A 347 -9.10 11.65 6.18
C ALA A 347 -7.92 10.69 6.25
N ALA A 348 -7.40 10.30 5.08
CA ALA A 348 -6.34 9.31 5.01
C ALA A 348 -5.09 9.79 5.74
N SER A 349 -4.87 11.10 5.70
CA SER A 349 -3.72 11.69 6.38
C SER A 349 -3.91 11.63 7.90
N SER A 350 -5.11 11.22 8.31
CA SER A 350 -5.43 11.03 9.72
C SER A 350 -5.19 9.60 10.19
N ASP A 351 -5.88 8.64 9.59
CA ASP A 351 -5.77 7.25 10.00
C ASP A 351 -4.99 6.38 9.00
N SER A 352 -4.23 5.43 9.52
CA SER A 352 -3.41 4.53 8.71
C SER A 352 -4.24 3.40 8.10
N GLU A 353 -5.41 3.16 8.70
CA GLU A 353 -6.34 2.17 8.19
C GLU A 353 -7.13 2.79 7.05
N LEU A 354 -7.47 4.05 7.21
CA LEU A 354 -8.15 4.79 6.14
C LEU A 354 -7.25 4.99 4.94
N GLY A 355 -5.95 4.99 5.16
CA GLY A 355 -5.00 5.13 4.08
C GLY A 355 -4.85 3.84 3.34
N ASP A 356 -4.84 2.74 4.10
CA ASP A 356 -4.73 1.40 3.53
C ASP A 356 -5.87 1.13 2.54
N LEU A 357 -7.06 1.67 2.84
CA LEU A 357 -8.22 1.54 1.97
C LEU A 357 -8.11 2.46 0.75
N LEU A 358 -7.52 3.64 0.95
CA LEU A 358 -7.35 4.60 -0.13
C LEU A 358 -6.51 4.02 -1.26
N PHE A 360 -6.39 0.93 -2.26
CA PHE A 360 -7.23 0.02 -3.03
C PHE A 360 -8.08 0.77 -4.05
N LEU A 361 -8.65 1.89 -3.62
CA LEU A 361 -9.59 2.63 -4.45
C LEU A 361 -8.92 3.56 -5.45
N GLN A 362 -7.63 3.80 -5.27
CA GLN A 362 -6.89 4.69 -6.14
C GLN A 362 -6.23 3.94 -7.29
N GLN A 363 -7.04 3.41 -8.19
CA GLN A 363 -6.56 2.68 -9.35
C GLN A 363 -7.64 2.61 -10.43
N VAL A 364 -7.28 2.99 -11.65
CA VAL A 364 -8.20 3.02 -12.76
C VAL A 364 -9.56 3.61 -12.35
N ASP A 368 -13.46 4.41 -13.31
CA ASP A 368 -13.74 3.67 -12.08
C ASP A 368 -13.57 4.55 -10.86
N ARG A 369 -13.13 5.79 -11.07
CA ARG A 369 -12.96 6.75 -9.99
C ARG A 369 -13.85 7.97 -10.23
N SER A 370 -14.55 7.94 -11.36
CA SER A 370 -15.45 9.02 -11.76
C SER A 370 -16.68 9.10 -10.86
N VAL A 371 -17.56 10.04 -11.18
CA VAL A 371 -18.67 10.41 -10.29
C VAL A 371 -19.77 9.34 -10.12
N GLY A 372 -19.92 8.45 -11.09
CA GLY A 372 -20.94 7.42 -11.01
C GLY A 372 -20.47 6.15 -10.32
N GLY A 373 -19.28 6.21 -9.73
CA GLY A 373 -18.70 5.05 -9.06
C GLY A 373 -17.85 4.20 -9.96
N PRO A 374 -17.28 3.12 -9.42
CA PRO A 374 -16.55 2.12 -10.19
C PRO A 374 -17.50 1.24 -10.99
N ARG A 375 -17.06 0.79 -12.15
CA ARG A 375 -17.82 -0.20 -12.90
C ARG A 375 -17.81 -1.52 -12.15
N VAL A 377 -19.10 -5.92 -12.98
CA VAL A 377 -19.76 -6.89 -13.82
C VAL A 377 -21.18 -7.20 -13.35
N VAL A 378 -22.06 -7.45 -14.32
CA VAL A 378 -23.41 -7.90 -14.04
C VAL A 378 -23.59 -9.26 -14.72
N CYS A 379 -24.23 -10.18 -14.02
CA CYS A 379 -24.31 -11.57 -14.45
C CYS A 379 -25.72 -12.11 -14.48
N ASP A 380 -25.94 -13.08 -15.36
CA ASP A 380 -27.14 -13.89 -15.27
C ASP A 380 -26.79 -15.16 -14.48
N SER A 381 -27.70 -15.56 -13.58
CA SER A 381 -27.51 -16.79 -12.81
C SER A 381 -28.56 -17.83 -13.19
N GLY A 382 -29.10 -17.71 -14.40
CA GLY A 382 -30.15 -18.58 -14.88
C GLY A 382 -29.86 -20.06 -14.74
N ASP A 383 -28.79 -20.52 -15.37
CA ASP A 383 -28.43 -21.94 -15.34
C ASP A 383 -28.21 -22.43 -13.92
N THR A 384 -27.76 -21.52 -13.06
CA THR A 384 -27.52 -21.87 -11.66
C THR A 384 -28.82 -22.07 -10.91
N LEU A 385 -29.73 -21.12 -11.06
CA LEU A 385 -31.03 -21.19 -10.41
C LEU A 385 -31.77 -22.42 -10.89
N LYS A 386 -31.63 -22.71 -12.18
CA LYS A 386 -32.21 -23.90 -12.76
C LYS A 386 -31.64 -25.15 -12.12
N ALA A 387 -30.32 -25.31 -12.16
CA ALA A 387 -29.67 -26.51 -11.62
C ALA A 387 -29.91 -26.71 -10.12
N LEU A 388 -30.31 -25.65 -9.44
CA LEU A 388 -30.46 -25.70 -8.00
C LEU A 388 -31.93 -25.62 -7.59
N GLY A 389 -32.81 -25.48 -8.55
CA GLY A 389 -34.22 -25.36 -8.26
C GLY A 389 -34.74 -26.52 -7.43
N GLY A 390 -34.16 -27.69 -7.64
CA GLY A 390 -34.60 -28.88 -6.96
C GLY A 390 -33.92 -29.13 -5.64
N THR A 391 -33.12 -28.17 -5.20
CA THR A 391 -32.39 -28.31 -3.94
C THR A 391 -32.96 -27.36 -2.91
N GLY A 392 -32.53 -27.48 -1.65
CA GLY A 392 -32.93 -26.51 -0.66
C GLY A 392 -32.00 -25.30 -0.63
N THR A 393 -31.23 -25.13 -1.70
CA THR A 393 -30.20 -24.11 -1.73
C THR A 393 -30.65 -22.84 -2.45
N SER A 394 -31.00 -21.83 -1.66
CA SER A 394 -31.46 -20.56 -2.19
C SER A 394 -30.64 -19.42 -1.60
N CYS A 395 -30.29 -18.43 -2.42
CA CYS A 395 -29.54 -17.29 -1.92
C CYS A 395 -30.41 -16.40 -1.04
N PRO A 396 -29.89 -16.04 0.14
CA PRO A 396 -30.60 -15.13 1.05
C PRO A 396 -30.81 -13.80 0.34
N SER A 397 -31.87 -13.07 0.68
CA SER A 397 -32.08 -11.78 0.05
C SER A 397 -31.41 -10.67 0.87
N VAL A 398 -30.96 -9.63 0.18
CA VAL A 398 -30.31 -8.50 0.83
C VAL A 398 -31.35 -7.50 1.33
N ASP A 399 -31.60 -7.50 2.63
CA ASP A 399 -32.54 -6.57 3.23
C ASP A 399 -31.89 -5.94 4.44
N ALA A 400 -32.64 -5.10 5.15
CA ALA A 400 -32.10 -4.46 6.33
C ALA A 400 -31.74 -5.48 7.39
N SER A 401 -32.48 -6.60 7.41
CA SER A 401 -32.29 -7.63 8.43
C SER A 401 -30.96 -8.36 8.30
N LEU A 402 -30.49 -8.56 7.08
CA LEU A 402 -29.20 -9.20 6.83
C LEU A 402 -28.05 -8.29 7.21
N ILE A 403 -28.15 -7.03 6.83
CA ILE A 403 -27.19 -6.01 7.20
C ILE A 403 -27.05 -5.93 8.72
N SER A 404 -28.17 -5.96 9.43
CA SER A 404 -28.13 -5.92 10.88
C SER A 404 -27.45 -7.15 11.45
N THR A 405 -27.63 -8.28 10.79
CA THR A 405 -26.93 -9.50 11.17
C THR A 405 -25.45 -9.29 10.99
N TYR A 406 -25.07 -8.69 9.87
CA TYR A 406 -23.67 -8.45 9.58
C TYR A 406 -23.06 -7.42 10.51
N LEU A 407 -23.74 -6.29 10.69
CA LEU A 407 -23.23 -5.20 11.51
C LEU A 407 -23.09 -5.59 12.96
N SER A 408 -24.10 -6.29 13.47
CA SER A 408 -24.09 -6.74 14.85
C SER A 408 -22.90 -7.65 15.07
N SER A 409 -22.56 -8.43 14.06
CA SER A 409 -21.45 -9.36 14.17
C SER A 409 -20.13 -8.59 14.28
N LEU A 410 -19.92 -7.66 13.36
CA LEU A 410 -18.73 -6.81 13.38
C LEU A 410 -18.62 -6.00 14.66
N VAL A 411 -19.77 -5.62 15.21
CA VAL A 411 -19.79 -4.85 16.44
C VAL A 411 -19.34 -5.75 17.58
N HIS A 412 -19.99 -6.90 17.71
CA HIS A 412 -19.74 -7.80 18.82
C HIS A 412 -18.33 -8.36 18.78
N ARG A 413 -17.74 -8.39 17.58
CA ARG A 413 -16.39 -8.89 17.39
C ARG A 413 -15.31 -7.80 17.42
N GLY A 414 -15.71 -6.57 17.67
CA GLY A 414 -14.77 -5.50 17.93
C GLY A 414 -14.26 -4.72 16.75
N PHE A 415 -14.67 -5.11 15.54
CA PHE A 415 -14.23 -4.43 14.34
C PHE A 415 -14.88 -3.06 14.22
N LEU A 416 -16.14 -2.94 14.64
CA LEU A 416 -16.85 -1.66 14.63
C LEU A 416 -17.29 -1.24 16.01
N LYS A 417 -17.38 0.06 16.21
CA LYS A 417 -17.96 0.62 17.42
C LYS A 417 -19.47 0.59 17.30
N ALA A 418 -20.15 0.31 18.40
CA ALA A 418 -21.61 0.20 18.38
C ALA A 418 -22.24 1.54 18.06
N PRO A 419 -23.29 1.54 17.23
CA PRO A 419 -23.92 2.80 16.84
C PRO A 419 -24.49 3.50 18.05
N GLU A 420 -24.18 4.77 18.25
CA GLU A 420 -24.73 5.52 19.38
C GLU A 420 -26.25 5.63 19.28
N ASP B 27 -8.84 18.32 -13.04
CA ASP B 27 -7.61 17.64 -12.65
C ASP B 27 -6.93 18.35 -11.48
N VAL B 28 -5.88 17.74 -10.94
CA VAL B 28 -5.28 18.14 -9.67
C VAL B 28 -4.41 19.39 -9.80
N THR B 29 -3.94 19.65 -11.01
CA THR B 29 -3.13 20.84 -11.25
C THR B 29 -3.96 22.11 -11.02
N VAL B 30 -5.27 21.98 -11.23
CA VAL B 30 -6.17 23.10 -11.02
C VAL B 30 -6.38 23.33 -9.53
N GLU B 31 -6.36 22.24 -8.77
CA GLU B 31 -6.42 22.37 -7.33
C GLU B 31 -5.10 22.94 -6.84
N GLU B 33 -3.01 24.92 -8.40
CA GLU B 33 -2.88 26.32 -8.74
C GLU B 33 -3.70 27.24 -7.83
N ALA B 34 -4.93 26.85 -7.56
CA ALA B 34 -5.74 27.62 -6.63
C ALA B 34 -5.03 27.72 -5.30
N ASP B 35 -4.35 26.65 -4.92
CA ASP B 35 -3.72 26.54 -3.62
C ASP B 35 -2.40 27.31 -3.54
N ALA B 36 -1.73 27.48 -4.69
CA ALA B 36 -0.46 28.18 -4.72
C ALA B 36 -0.66 29.67 -4.56
N VAL B 37 -1.91 30.07 -4.32
CA VAL B 37 -2.22 31.48 -4.10
C VAL B 37 -2.19 31.82 -2.61
N LEU B 38 -1.25 32.66 -2.22
CA LEU B 38 -1.15 33.05 -0.82
C LEU B 38 -2.23 34.06 -0.47
N ASP B 39 -3.00 33.75 0.56
CA ASP B 39 -4.07 34.61 1.02
C ASP B 39 -3.61 36.06 1.13
N ALA B 40 -4.48 36.97 0.76
CA ALA B 40 -4.18 38.40 0.75
C ALA B 40 -3.61 38.90 2.07
N GLU B 41 -4.24 38.56 3.19
CA GLU B 41 -3.88 39.18 4.46
C GLU B 41 -2.51 38.75 4.95
N ILE B 42 -1.93 37.73 4.33
CA ILE B 42 -0.61 37.26 4.73
C ILE B 42 0.49 38.12 4.12
N ALA B 43 0.78 39.21 4.81
CA ALA B 43 1.75 40.16 4.32
C ALA B 43 2.33 40.89 5.50
N LEU B 44 3.24 41.83 5.23
CA LEU B 44 3.86 42.62 6.28
C LEU B 44 2.97 43.59 7.07
N GLY B 45 2.43 44.60 6.41
CA GLY B 45 1.46 45.48 7.03
C GLY B 45 1.99 46.20 8.26
N LYS B 46 1.39 45.91 9.41
CA LYS B 46 1.71 46.62 10.65
C LYS B 46 2.60 45.85 11.63
N ALA B 47 3.18 44.75 11.18
CA ALA B 47 4.00 43.93 12.07
C ALA B 47 5.34 44.61 12.36
N LEU B 48 5.80 44.48 13.59
CA LEU B 48 7.11 44.98 13.98
C LEU B 48 8.19 44.29 13.17
N PRO B 49 9.21 45.03 12.74
CA PRO B 49 10.26 44.40 11.95
C PRO B 49 10.95 43.27 12.68
N PRO B 50 11.76 42.50 11.95
CA PRO B 50 12.49 41.37 12.51
C PRO B 50 13.58 41.78 13.47
N VAL B 51 13.86 40.91 14.44
CA VAL B 51 14.94 41.10 15.38
C VAL B 51 16.24 41.39 14.65
N THR B 52 17.06 42.26 15.23
CA THR B 52 18.38 42.56 14.67
C THR B 52 19.45 42.24 15.68
N GLY B 53 19.02 41.91 16.89
CA GLY B 53 19.94 41.42 17.90
C GLY B 53 20.06 39.91 17.84
N ALA B 54 20.53 39.31 18.92
CA ALA B 54 20.68 37.87 18.96
C ALA B 54 19.32 37.20 19.07
N LEU B 55 19.17 36.05 18.44
CA LEU B 55 17.92 35.29 18.50
C LEU B 55 17.66 34.75 19.91
N ARG B 56 16.45 34.99 20.41
CA ARG B 56 16.06 34.56 21.75
C ARG B 56 15.28 33.27 21.69
N THR B 57 14.50 33.11 20.64
CA THR B 57 13.61 31.98 20.50
C THR B 57 13.62 31.49 19.07
N ILE B 58 13.54 30.19 18.89
CA ILE B 58 13.46 29.61 17.56
C ILE B 58 12.30 28.66 17.50
N LEU B 59 11.53 28.73 16.41
CA LEU B 59 10.48 27.76 16.17
C LEU B 59 10.95 26.71 15.16
N LEU B 60 10.94 25.44 15.57
CA LEU B 60 11.33 24.34 14.70
C LEU B 60 10.17 23.38 14.53
N THR B 61 9.78 23.15 13.27
CA THR B 61 8.84 22.10 12.99
C THR B 61 9.59 20.82 12.61
N GLY B 62 8.97 19.68 12.87
CA GLY B 62 9.53 18.40 12.48
C GLY B 62 10.64 17.85 13.35
N ALA B 63 10.64 18.21 14.64
CA ALA B 63 11.68 17.74 15.54
C ALA B 63 11.52 16.24 15.89
N THR B 64 10.42 15.64 15.46
CA THR B 64 10.22 14.22 15.70
C THR B 64 10.61 13.38 14.49
N GLY B 65 11.02 14.06 13.42
CA GLY B 65 11.41 13.41 12.18
C GLY B 65 12.91 13.27 12.09
N PHE B 66 13.38 12.84 10.94
CA PHE B 66 14.77 12.50 10.73
C PHE B 66 15.69 13.73 10.72
N LEU B 67 15.52 14.58 9.71
CA LEU B 67 16.35 15.78 9.59
C LEU B 67 16.17 16.73 10.77
N GLY B 68 14.94 16.86 11.23
CA GLY B 68 14.63 17.69 12.37
C GLY B 68 15.41 17.33 13.60
N ALA B 69 15.65 16.04 13.81
CA ALA B 69 16.46 15.61 14.95
C ALA B 69 17.86 16.21 14.84
N PHE B 70 18.46 16.12 13.66
CA PHE B 70 19.78 16.65 13.47
C PHE B 70 19.77 18.17 13.47
N LEU B 71 18.71 18.75 12.91
CA LEU B 71 18.55 20.19 12.93
C LEU B 71 18.51 20.69 14.35
N LEU B 72 17.73 20.03 15.18
CA LEU B 72 17.54 20.47 16.55
C LEU B 72 18.87 20.47 17.29
N GLU B 73 19.68 19.46 17.03
CA GLU B 73 20.98 19.33 17.67
C GLU B 73 21.98 20.39 17.19
N GLU B 74 21.95 20.68 15.90
CA GLU B 74 22.79 21.71 15.33
C GLU B 74 22.47 23.07 15.95
N LEU B 75 21.18 23.39 15.98
CA LEU B 75 20.71 24.66 16.52
C LEU B 75 21.03 24.77 18.01
N CYS B 76 20.91 23.68 18.74
CA CYS B 76 21.22 23.72 20.18
C CYS B 76 22.69 23.96 20.39
N ARG B 77 23.50 23.34 19.54
CA ARG B 77 24.95 23.48 19.65
C ARG B 77 25.41 24.84 19.20
N ARG B 78 24.72 25.41 18.22
CA ARG B 78 25.24 26.56 17.52
C ARG B 78 24.49 27.85 17.78
N THR B 79 23.56 27.81 18.71
CA THR B 79 22.90 29.03 19.15
C THR B 79 22.68 28.95 20.64
N ASP B 80 22.21 30.06 21.21
CA ASP B 80 21.88 30.11 22.62
C ASP B 80 20.39 30.33 22.79
N ALA B 81 19.65 30.18 21.72
CA ALA B 81 18.23 30.42 21.76
C ALA B 81 17.52 29.24 22.39
N ARG B 82 16.28 29.46 22.78
CA ARG B 82 15.42 28.36 23.18
C ARG B 82 14.63 27.91 21.99
N ILE B 83 14.62 26.59 21.79
CA ILE B 83 13.99 25.96 20.63
C ILE B 83 12.57 25.50 20.94
N TYR B 84 11.60 26.20 20.38
CA TYR B 84 10.21 25.79 20.50
C TYR B 84 9.93 24.75 19.44
N CYS B 85 9.64 23.54 19.87
CA CYS B 85 9.38 22.45 18.94
C CYS B 85 7.91 22.10 18.91
N LEU B 86 7.28 22.34 17.76
CA LEU B 86 5.87 22.00 17.56
C LEU B 86 5.73 20.51 17.26
N VAL B 87 5.07 19.80 18.16
CA VAL B 87 5.06 18.35 18.12
C VAL B 87 3.65 17.85 18.32
N ARG B 88 3.28 16.76 17.66
CA ARG B 88 1.97 16.16 17.89
C ARG B 88 2.00 15.29 19.13
N SER B 89 1.18 15.65 20.11
CA SER B 89 1.13 14.93 21.38
C SER B 89 -0.13 15.28 22.16
N LYS B 90 -0.41 14.52 23.21
CA LYS B 90 -1.60 14.75 24.03
C LYS B 90 -1.31 15.75 25.13
N THR B 91 -0.09 15.71 25.63
CA THR B 91 0.35 16.68 26.63
C THR B 91 1.73 17.18 26.26
N GLU B 92 2.12 18.31 26.84
CA GLU B 92 3.43 18.86 26.58
C GLU B 92 4.54 17.87 26.95
N GLN B 93 4.41 17.26 28.13
CA GLN B 93 5.45 16.37 28.61
C GLN B 93 5.58 15.12 27.75
N GLU B 94 4.53 14.78 27.00
CA GLU B 94 4.59 13.66 26.06
C GLU B 94 5.35 14.05 24.80
N GLY B 95 5.11 15.28 24.35
CA GLY B 95 5.82 15.80 23.20
C GLY B 95 7.30 15.85 23.50
N ASN B 97 8.84 13.95 25.51
CA ASN B 97 9.31 12.58 25.53
C ASN B 97 9.46 12.04 24.12
N ARG B 98 8.55 12.44 23.23
CA ARG B 98 8.66 12.09 21.83
C ARG B 98 9.94 12.65 21.20
N ILE B 99 10.15 13.94 21.39
CA ILE B 99 11.37 14.63 20.94
C ILE B 99 12.61 13.94 21.45
N ARG B 100 12.63 13.75 22.77
CA ARG B 100 13.70 13.08 23.46
C ARG B 100 14.05 11.76 22.79
N LYS B 101 13.04 10.89 22.68
CA LYS B 101 13.24 9.55 22.13
C LYS B 101 13.77 9.57 20.71
N ASN B 102 13.29 10.52 19.92
CA ASN B 102 13.72 10.62 18.53
C ASN B 102 15.21 10.80 18.40
N LEU B 103 15.73 11.84 19.05
CA LEU B 103 17.15 12.17 19.02
C LEU B 103 17.99 11.04 19.54
N GLU B 104 17.51 10.38 20.58
CA GLU B 104 18.27 9.28 21.13
C GLU B 104 18.41 8.18 20.08
N SER B 105 17.35 7.92 19.32
CA SER B 105 17.42 6.92 18.26
C SER B 105 18.52 7.25 17.24
N TYR B 106 19.00 8.49 17.27
CA TYR B 106 20.04 8.92 16.33
C TYR B 106 21.38 9.20 17.01
N SER B 107 21.47 8.88 18.29
CA SER B 107 22.67 9.18 19.07
C SER B 107 22.87 10.69 19.20
N LEU B 108 21.78 11.45 19.16
CA LEU B 108 21.85 12.90 19.23
C LEU B 108 21.48 13.46 20.60
N TRP B 109 20.91 12.64 21.49
CA TRP B 109 20.36 13.21 22.72
C TRP B 109 21.41 13.51 23.76
N ASN B 110 21.09 14.49 24.58
CA ASN B 110 21.93 14.94 25.67
C ASN B 110 20.98 15.69 26.59
N GLU B 111 21.02 15.39 27.89
CA GLU B 111 20.02 15.92 28.81
C GLU B 111 20.23 17.39 29.15
N ALA B 112 21.36 17.95 28.69
CA ALA B 112 21.58 19.39 28.76
C ALA B 112 20.67 20.09 27.76
N LEU B 113 20.09 19.31 26.86
CA LEU B 113 19.24 19.85 25.80
C LEU B 113 17.82 20.10 26.28
N ALA B 114 17.42 19.39 27.33
CA ALA B 114 16.07 19.47 27.87
C ALA B 114 15.59 20.90 28.15
N PRO B 115 16.40 21.70 28.84
CA PRO B 115 15.94 23.04 29.19
C PRO B 115 15.97 23.93 27.97
N ARG B 116 16.65 23.47 26.92
CA ARG B 116 16.72 24.23 25.70
C ARG B 116 15.42 24.11 24.93
N ILE B 117 14.74 22.98 25.11
CA ILE B 117 13.56 22.64 24.32
C ILE B 117 12.23 22.98 24.96
N VAL B 118 11.42 23.71 24.20
CA VAL B 118 10.07 24.07 24.61
C VAL B 118 9.07 23.38 23.71
N PRO B 119 8.58 22.20 24.14
CA PRO B 119 7.59 21.43 23.38
C PRO B 119 6.28 22.18 23.17
N VAL B 120 5.74 22.12 21.96
CA VAL B 120 4.56 22.89 21.62
C VAL B 120 3.50 22.02 20.93
N ARG B 121 2.50 21.60 21.71
CA ARG B 121 1.37 20.79 21.22
C ARG B 121 0.57 21.43 20.13
N GLY B 122 0.57 20.82 18.96
CA GLY B 122 -0.21 21.34 17.86
C GLY B 122 -0.19 20.45 16.64
N ASP B 123 -0.82 20.93 15.57
CA ASP B 123 -0.93 20.16 14.35
C ASP B 123 -0.81 21.09 13.17
N ILE B 124 0.26 20.95 12.41
CA ILE B 124 0.50 21.91 11.33
C ILE B 124 -0.50 21.73 10.20
N GLY B 125 -1.27 20.65 10.26
CA GLY B 125 -2.33 20.43 9.30
C GLY B 125 -3.67 21.01 9.74
N GLN B 126 -3.66 21.66 10.91
CA GLN B 126 -4.84 22.31 11.47
C GLN B 126 -4.69 23.81 11.34
N PRO B 127 -5.80 24.54 11.17
CA PRO B 127 -5.69 26.01 11.19
C PRO B 127 -4.88 26.52 12.38
N LEU B 128 -4.05 27.53 12.16
CA LEU B 128 -3.21 28.05 13.23
C LEU B 128 -2.34 26.97 13.86
N LEU B 129 -2.01 25.93 13.10
CA LEU B 129 -1.15 24.87 13.60
C LEU B 129 -1.75 24.15 14.80
N GLY B 130 -3.06 24.23 14.94
CA GLY B 130 -3.76 23.48 15.97
C GLY B 130 -3.75 24.14 17.33
N LEU B 131 -3.46 25.44 17.35
CA LEU B 131 -3.46 26.24 18.57
C LEU B 131 -4.73 27.07 18.65
N SER B 132 -5.11 27.49 19.85
CA SER B 132 -6.22 28.41 19.95
C SER B 132 -5.74 29.78 19.52
N GLU B 133 -6.68 30.72 19.36
CA GLU B 133 -6.34 32.09 18.97
C GLU B 133 -5.38 32.74 19.98
N LYS B 134 -5.56 32.35 21.24
CA LYS B 134 -4.78 32.87 22.34
C LYS B 134 -3.37 32.29 22.33
N GLU B 135 -3.24 30.99 22.17
CA GLU B 135 -1.94 30.35 22.04
C GLU B 135 -1.20 30.84 20.79
N PHE B 136 -1.94 31.09 19.72
CA PHE B 136 -1.32 31.51 18.49
C PHE B 136 -0.78 32.94 18.60
N GLN B 137 -1.58 33.82 19.19
CA GLN B 137 -1.13 35.19 19.43
C GLN B 137 0.13 35.23 20.29
N ARG B 138 0.17 34.43 21.35
CA ARG B 138 1.33 34.42 22.24
C ARG B 138 2.57 33.81 21.58
N LEU B 139 2.39 32.82 20.73
CA LEU B 139 3.52 32.30 19.99
C LEU B 139 4.04 33.39 19.05
N SER B 140 3.12 34.15 18.46
CA SER B 140 3.48 35.16 17.48
C SER B 140 4.23 36.31 18.13
N GLU B 141 4.27 36.31 19.45
CA GLU B 141 5.00 37.34 20.19
C GLU B 141 6.38 36.85 20.67
N GLU B 142 6.49 35.54 20.89
CA GLU B 142 7.71 34.97 21.45
C GLU B 142 8.78 34.66 20.42
N ILE B 143 8.35 34.22 19.24
CA ILE B 143 9.23 33.60 18.26
C ILE B 143 10.01 34.58 17.40
N ASP B 144 11.32 34.43 17.37
CA ASP B 144 12.19 35.32 16.61
C ASP B 144 12.49 34.82 15.20
N ALA B 145 12.52 33.52 15.01
CA ALA B 145 12.79 32.98 13.68
C ALA B 145 12.22 31.58 13.52
N ILE B 146 11.92 31.19 12.29
CA ILE B 146 11.25 29.91 12.05
C ILE B 146 12.06 28.99 11.15
N TYR B 147 12.31 27.78 11.61
CA TYR B 147 12.83 26.73 10.76
C TYR B 147 11.70 25.77 10.47
N HIS B 148 11.16 25.84 9.27
CA HIS B 148 10.01 25.01 8.93
C HIS B 148 10.48 23.81 8.15
N ASN B 149 10.54 22.70 8.87
CA ASN B 149 11.13 21.45 8.39
C ASN B 149 10.11 20.32 8.46
N GLY B 150 9.05 20.52 9.24
CA GLY B 150 8.02 19.51 9.36
C GLY B 150 7.21 19.41 8.08
N ALA B 151 6.87 18.18 7.69
CA ALA B 151 6.05 17.94 6.50
C ALA B 151 5.68 16.47 6.42
N LEU B 152 4.54 16.18 5.81
CA LEU B 152 4.16 14.80 5.53
C LEU B 152 4.95 14.26 4.34
N VAL B 153 5.83 13.31 4.61
CA VAL B 153 6.61 12.68 3.56
C VAL B 153 6.07 11.27 3.29
N ASN B 154 5.25 11.17 2.25
CA ASN B 154 4.61 9.92 1.88
C ASN B 154 4.57 9.83 0.35
N PHE B 155 5.04 8.72 -0.20
CA PHE B 155 5.15 8.64 -1.67
C PHE B 155 4.07 7.81 -2.32
N LEU B 156 3.12 7.33 -1.52
CA LEU B 156 1.98 6.61 -2.05
C LEU B 156 0.74 7.50 -2.17
N TYR B 157 0.51 8.35 -1.18
CA TYR B 157 -0.72 9.14 -1.14
C TYR B 157 -0.81 10.19 -2.24
N PRO B 158 -2.04 10.65 -2.51
CA PRO B 158 -2.28 11.69 -3.52
C PRO B 158 -2.20 13.08 -2.90
N TYR B 159 -2.10 14.10 -3.75
CA TYR B 159 -2.00 15.49 -3.33
C TYR B 159 -2.99 15.86 -2.22
N GLU B 160 -4.21 15.31 -2.30
CA GLU B 160 -5.26 15.66 -1.37
C GLU B 160 -4.95 15.19 0.04
N SER B 161 -4.13 14.15 0.14
CA SER B 161 -3.76 13.57 1.43
C SER B 161 -2.73 14.39 2.15
N ARG B 163 -2.24 17.85 1.37
CA ARG B 163 -2.61 19.24 1.25
C ARG B 163 -2.57 19.89 2.64
N ALA B 164 -3.05 19.16 3.64
CA ALA B 164 -3.20 19.74 4.97
C ALA B 164 -1.86 20.11 5.61
N ALA B 165 -0.96 19.15 5.72
CA ALA B 165 0.32 19.36 6.39
C ALA B 165 1.28 20.21 5.57
N ASN B 166 1.33 19.96 4.27
CA ASN B 166 2.36 20.56 3.46
C ASN B 166 1.99 21.92 2.92
N VAL B 167 0.76 22.06 2.48
CA VAL B 167 0.33 23.33 1.89
C VAL B 167 -0.24 24.26 2.96
N LEU B 168 -1.26 23.80 3.64
CA LEU B 168 -1.92 24.66 4.62
C LEU B 168 -1.04 24.79 5.86
N GLY B 169 -0.24 23.77 6.13
CA GLY B 169 0.77 23.87 7.16
C GLY B 169 1.76 24.99 6.88
N THR B 170 2.25 25.03 5.64
CA THR B 170 3.15 26.09 5.21
C THR B 170 2.44 27.46 5.23
N ARG B 171 1.20 27.50 4.76
CA ARG B 171 0.41 28.73 4.80
C ARG B 171 0.27 29.29 6.20
N GLU B 172 0.09 28.41 7.17
CA GLU B 172 -0.11 28.83 8.54
C GLU B 172 1.20 29.29 9.18
N ILE B 173 2.30 28.64 8.84
CA ILE B 173 3.61 29.12 9.26
C ILE B 173 3.87 30.53 8.71
N LEU B 174 3.55 30.75 7.45
CA LEU B 174 3.69 32.07 6.86
C LEU B 174 2.79 33.08 7.54
N ARG B 175 1.69 32.60 8.11
CA ARG B 175 0.78 33.48 8.83
C ARG B 175 1.39 33.87 10.17
N LEU B 176 2.08 32.91 10.78
CA LEU B 176 2.80 33.15 12.03
C LEU B 176 3.94 34.13 11.84
N ALA B 177 4.67 33.92 10.75
CA ALA B 177 5.83 34.71 10.42
C ALA B 177 5.44 36.15 10.14
N THR B 178 4.17 36.38 9.80
CA THR B 178 3.73 37.74 9.53
C THR B 178 2.81 38.30 10.61
N ARG B 179 2.58 37.52 11.67
CA ARG B 179 1.67 37.96 12.74
C ARG B 179 2.41 38.67 13.86
N THR B 180 1.91 39.86 14.20
CA THR B 180 2.41 40.70 15.29
C THR B 180 3.76 41.34 14.98
N ARG B 181 4.75 40.51 14.64
CA ARG B 181 6.04 41.03 14.23
C ARG B 181 6.73 40.03 13.33
N ILE B 182 7.60 40.54 12.47
CA ILE B 182 8.20 39.74 11.41
C ILE B 182 9.24 38.75 11.94
N LYS B 183 9.23 37.56 11.37
CA LYS B 183 10.13 36.50 11.76
C LYS B 183 10.68 35.85 10.51
N PRO B 184 12.00 35.93 10.32
CA PRO B 184 12.63 35.27 9.17
C PRO B 184 12.29 33.80 9.10
N LEU B 185 12.03 33.29 7.91
CA LEU B 185 11.68 31.90 7.73
C LEU B 185 12.72 31.13 6.94
N HIS B 186 13.16 30.01 7.49
CA HIS B 186 14.09 29.16 6.79
C HIS B 186 13.35 27.88 6.46
N TYR B 187 13.04 27.73 5.18
CA TYR B 187 12.09 26.73 4.73
C TYR B 187 12.77 25.57 4.02
N VAL B 188 12.56 24.36 4.53
CA VAL B 188 13.10 23.18 3.89
C VAL B 188 12.18 22.74 2.78
N SER B 189 12.65 22.84 1.55
CA SER B 189 11.90 22.38 0.41
C SER B 189 12.52 21.04 0.00
N THR B 190 12.65 20.80 -1.29
CA THR B 190 13.05 19.49 -1.79
C THR B 190 13.39 19.66 -3.26
N VAL B 191 14.30 18.84 -3.74
CA VAL B 191 14.69 18.91 -5.14
C VAL B 191 13.59 18.36 -6.02
N SER B 192 12.58 17.76 -5.38
CA SER B 192 11.48 17.11 -6.07
C SER B 192 10.42 18.06 -6.63
N VAL B 193 10.57 19.36 -6.37
CA VAL B 193 9.67 20.35 -6.96
C VAL B 193 10.14 20.66 -8.37
N LEU B 194 11.21 20.00 -8.76
CA LEU B 194 11.87 20.26 -10.04
C LEU B 194 11.51 19.24 -11.09
N PRO B 195 11.29 19.70 -12.32
CA PRO B 195 10.97 18.82 -13.44
C PRO B 195 12.02 17.73 -13.61
N LEU B 196 11.56 16.53 -13.94
CA LEU B 196 12.43 15.41 -14.16
C LEU B 196 12.84 15.36 -15.62
N GLY B 197 13.94 14.67 -15.90
CA GLY B 197 14.41 14.50 -17.26
C GLY B 197 14.60 15.79 -18.04
N ARG B 198 15.58 16.58 -17.62
CA ARG B 198 15.94 17.82 -18.30
C ARG B 198 17.40 17.74 -18.75
N LYS B 199 17.74 18.40 -19.85
CA LYS B 199 19.07 18.24 -20.44
C LYS B 199 20.22 18.69 -19.53
N ALA B 200 19.93 19.62 -18.63
CA ALA B 200 20.98 20.18 -17.79
C ALA B 200 20.62 20.08 -16.32
N PRO B 201 21.63 19.80 -15.48
CA PRO B 201 21.52 19.90 -14.02
C PRO B 201 20.89 21.23 -13.62
N ILE B 202 19.76 21.16 -12.94
CA ILE B 202 18.98 22.35 -12.63
C ILE B 202 19.70 23.24 -11.65
N ARG B 203 19.95 24.49 -12.04
CA ARG B 203 20.66 25.41 -11.17
C ARG B 203 19.72 26.06 -10.15
N GLU B 204 20.31 26.48 -9.04
CA GLU B 204 19.58 27.04 -7.92
C GLU B 204 18.88 28.34 -8.27
N ASP B 205 19.18 28.86 -9.46
CA ASP B 205 18.74 30.18 -9.87
C ASP B 205 17.48 30.15 -10.75
N GLU B 206 17.27 29.05 -11.45
CA GLU B 206 16.11 28.90 -12.33
C GLU B 206 14.80 28.83 -11.53
N PRO B 207 13.76 29.56 -11.98
CA PRO B 207 12.47 29.60 -11.27
C PRO B 207 11.66 28.32 -11.50
N LEU B 208 10.55 28.16 -10.78
CA LEU B 208 9.74 26.94 -10.88
C LEU B 208 9.02 26.82 -12.22
N GLU B 209 8.98 25.61 -12.76
CA GLU B 209 8.20 25.34 -13.95
C GLU B 209 6.75 25.14 -13.52
N GLY B 210 5.89 24.76 -14.46
CA GLY B 210 4.49 24.57 -14.13
C GLY B 210 4.26 23.33 -13.29
N PRO B 211 3.02 23.17 -12.79
CA PRO B 211 2.56 22.02 -11.98
C PRO B 211 2.46 20.70 -12.73
N SER B 212 2.07 20.75 -13.99
CA SER B 212 1.72 19.55 -14.75
C SER B 212 2.82 18.50 -14.84
N SER B 213 4.07 18.90 -14.65
CA SER B 213 5.16 17.96 -14.86
C SER B 213 5.74 17.39 -13.58
N LEU B 214 4.95 17.40 -12.51
CA LEU B 214 5.37 16.79 -11.26
C LEU B 214 4.61 15.51 -11.04
N VAL B 215 5.31 14.45 -10.69
CA VAL B 215 4.66 13.18 -10.42
C VAL B 215 4.61 12.84 -8.94
N GLY B 216 3.44 12.39 -8.49
CA GLY B 216 3.25 12.02 -7.11
C GLY B 216 2.65 13.16 -6.30
N GLY B 217 1.83 12.81 -5.33
CA GLY B 217 1.22 13.79 -4.45
C GLY B 217 2.24 14.56 -3.63
N TYR B 218 3.29 13.88 -3.20
CA TYR B 218 4.34 14.50 -2.39
C TYR B 218 5.04 15.62 -3.14
N ALA B 219 5.55 15.32 -4.33
CA ALA B 219 6.16 16.34 -5.17
C ALA B 219 5.21 17.51 -5.39
N GLN B 220 3.95 17.19 -5.64
CA GLN B 220 2.95 18.20 -5.95
C GLN B 220 2.63 19.10 -4.76
N SER B 221 2.68 18.57 -3.56
CA SER B 221 2.35 19.41 -2.42
C SER B 221 3.52 20.33 -2.03
N LYS B 222 4.74 19.85 -2.26
CA LYS B 222 5.93 20.63 -1.94
C LYS B 222 6.10 21.74 -2.95
N TRP B 223 5.77 21.45 -4.19
CA TRP B 223 5.76 22.46 -5.24
C TRP B 223 4.81 23.62 -4.88
N VAL B 224 3.62 23.27 -4.44
CA VAL B 224 2.64 24.24 -3.99
C VAL B 224 3.16 25.03 -2.81
N ALA B 225 3.72 24.32 -1.84
CA ALA B 225 4.26 24.95 -0.63
C ALA B 225 5.39 25.92 -0.94
N GLU B 226 6.27 25.57 -1.87
CA GLU B 226 7.35 26.48 -2.23
C GLU B 226 6.86 27.70 -3.00
N LYS B 227 5.80 27.52 -3.76
CA LYS B 227 5.15 28.61 -4.47
C LYS B 227 4.60 29.61 -3.47
N LEU B 228 4.08 29.09 -2.37
CA LEU B 228 3.57 29.94 -1.32
C LEU B 228 4.69 30.74 -0.67
N VAL B 229 5.77 30.07 -0.30
CA VAL B 229 6.89 30.71 0.37
C VAL B 229 7.52 31.78 -0.50
N ARG B 230 7.62 31.52 -1.80
CA ARG B 230 8.15 32.51 -2.74
C ARG B 230 7.25 33.74 -2.88
N GLU B 231 5.95 33.55 -2.80
CA GLU B 231 5.05 34.67 -2.85
C GLU B 231 5.26 35.54 -1.64
N ALA B 232 5.33 34.93 -0.46
CA ALA B 232 5.60 35.67 0.77
C ALA B 232 6.92 36.39 0.68
N SER B 233 7.93 35.69 0.15
CA SER B 233 9.23 36.29 -0.09
C SER B 233 9.09 37.58 -0.92
N ARG B 234 8.38 37.45 -2.04
CA ARG B 234 8.14 38.56 -2.93
C ARG B 234 7.45 39.70 -2.20
N ARG B 235 6.63 39.37 -1.22
CA ARG B 235 5.91 40.38 -0.46
C ARG B 235 6.78 40.98 0.63
N GLY B 236 7.98 40.42 0.78
CA GLY B 236 8.99 41.02 1.62
C GLY B 236 9.35 40.26 2.87
N LEU B 237 8.87 39.02 3.00
CA LEU B 237 9.27 38.18 4.12
C LEU B 237 10.68 37.67 3.90
N PRO B 238 11.55 37.84 4.91
CA PRO B 238 12.90 37.29 4.78
C PRO B 238 12.83 35.78 4.83
N VAL B 239 13.15 35.12 3.72
CA VAL B 239 13.08 33.67 3.70
C VAL B 239 14.32 33.07 3.04
N THR B 240 14.72 31.91 3.53
CA THR B 240 15.69 31.11 2.81
C THR B 240 14.98 29.86 2.29
N ILE B 241 15.25 29.50 1.03
CA ILE B 241 14.69 28.27 0.51
C ILE B 241 15.82 27.26 0.27
N LEU B 242 15.68 26.11 0.93
CA LEU B 242 16.72 25.09 0.99
C LEU B 242 16.20 23.79 0.40
N ARG B 243 16.71 23.42 -0.76
CA ARG B 243 16.26 22.22 -1.43
C ARG B 243 17.25 21.09 -1.25
N PRO B 244 16.99 20.22 -0.26
CA PRO B 244 17.81 19.02 -0.10
C PRO B 244 17.58 18.00 -1.22
N GLY B 245 18.58 17.18 -1.49
CA GLY B 245 18.39 16.03 -2.35
C GLY B 245 18.07 14.85 -1.47
N ARG B 246 18.27 13.64 -1.96
CA ARG B 246 18.05 12.44 -1.17
C ARG B 246 18.96 12.51 0.05
N VAL B 247 18.36 12.61 1.24
CA VAL B 247 19.10 12.76 2.50
C VAL B 247 19.40 11.40 3.13
N THR B 248 20.66 11.12 3.42
CA THR B 248 21.02 9.81 3.97
C THR B 248 21.69 9.88 5.34
N GLY B 249 22.09 8.73 5.84
CA GLY B 249 22.58 8.58 7.20
C GLY B 249 23.71 9.51 7.54
N HIS B 250 23.93 9.67 8.84
CA HIS B 250 25.02 10.50 9.34
C HIS B 250 26.35 9.90 8.94
N SER B 251 27.27 10.71 8.43
CA SER B 251 28.51 10.19 7.85
C SER B 251 29.46 9.49 8.83
N ARG B 252 29.37 9.79 10.13
CA ARG B 252 30.26 9.16 11.11
C ARG B 252 29.59 8.05 11.90
N THR B 253 28.40 8.34 12.41
CA THR B 253 27.71 7.36 13.23
C THR B 253 27.00 6.35 12.34
N GLY B 254 26.66 6.80 11.14
CA GLY B 254 25.82 6.03 10.25
C GLY B 254 24.33 6.07 10.60
N ALA B 255 23.92 6.97 11.50
CA ALA B 255 22.53 7.00 11.97
C ALA B 255 21.57 7.41 10.85
N TRP B 256 20.40 6.78 10.84
CA TRP B 256 19.49 6.83 9.69
C TRP B 256 18.12 6.23 10.08
N ASN B 257 17.02 6.61 9.52
CA ASN B 257 15.75 6.15 10.07
C ASN B 257 15.37 5.05 9.08
N THR B 258 15.02 3.90 9.63
CA THR B 258 14.80 2.69 8.88
C THR B 258 13.55 2.71 8.01
N ASP B 259 12.57 3.51 8.41
CA ASP B 259 11.32 3.64 7.66
C ASP B 259 11.61 4.28 6.29
N ASP B 260 12.87 4.56 6.04
CA ASP B 260 13.34 5.25 4.84
C ASP B 260 13.23 4.42 3.56
N LEU B 261 12.87 5.07 2.47
CA LEU B 261 12.64 4.36 1.21
C LEU B 261 13.94 3.85 0.60
N VAL B 262 15.04 4.51 0.92
CA VAL B 262 16.33 4.05 0.45
C VAL B 262 16.82 2.90 1.31
N CYS B 263 16.54 2.96 2.61
CA CYS B 263 16.81 1.82 3.46
C CYS B 263 15.92 0.65 3.09
N ARG B 264 14.69 0.97 2.75
CA ARG B 264 13.69 0.02 2.37
C ARG B 264 14.17 -0.76 1.16
N THR B 265 14.53 0.00 0.13
CA THR B 265 15.00 -0.55 -1.13
C THR B 265 16.26 -1.42 -0.98
N LEU B 266 17.21 -0.95 -0.19
CA LEU B 266 18.47 -1.68 -0.03
C LEU B 266 18.27 -3.03 0.65
N LYS B 267 17.42 -3.06 1.67
CA LYS B 267 17.11 -4.32 2.35
C LYS B 267 16.49 -5.30 1.36
N GLY B 268 15.58 -4.78 0.54
CA GLY B 268 14.96 -5.58 -0.49
C GLY B 268 15.98 -6.32 -1.31
N CYS B 269 16.88 -5.57 -1.95
CA CYS B 269 17.86 -6.12 -2.88
C CYS B 269 18.79 -7.09 -2.21
N VAL B 270 19.16 -6.77 -0.99
CA VAL B 270 19.97 -7.67 -0.21
C VAL B 270 19.22 -8.97 -0.01
N ARG B 271 18.01 -8.84 0.50
CA ARG B 271 17.21 -10.00 0.86
C ARG B 271 17.02 -10.94 -0.32
N GLY B 273 18.91 -10.85 -3.07
CA GLY B 273 20.19 -11.13 -3.71
C GLY B 273 20.32 -10.64 -5.13
N VAL B 274 19.65 -9.54 -5.46
CA VAL B 274 19.75 -8.98 -6.80
C VAL B 274 19.40 -7.51 -6.75
N ALA B 275 19.95 -6.74 -7.68
CA ALA B 275 19.72 -5.32 -7.77
C ALA B 275 19.58 -4.90 -9.22
N PRO B 276 19.00 -3.71 -9.47
CA PRO B 276 18.78 -3.22 -10.82
C PRO B 276 19.96 -2.42 -11.33
N SER B 277 20.20 -2.45 -12.63
CA SER B 277 21.19 -1.55 -13.22
C SER B 277 20.47 -0.34 -13.82
N VAL B 278 20.70 0.84 -13.25
CA VAL B 278 20.05 2.07 -13.71
C VAL B 278 21.00 3.08 -14.38
N ASP B 279 20.44 3.87 -15.29
CA ASP B 279 21.19 4.94 -15.95
C ASP B 279 21.52 6.03 -14.97
N ALA B 280 20.47 6.48 -14.27
CA ALA B 280 20.51 7.68 -13.48
C ALA B 280 21.71 7.76 -12.57
N LEU B 281 22.33 8.94 -12.53
CA LEU B 281 23.32 9.24 -11.53
C LEU B 281 22.60 9.34 -10.20
N LEU B 282 23.12 8.61 -9.21
CA LEU B 282 22.50 8.63 -7.90
C LEU B 282 23.09 9.73 -7.05
N ASP B 283 22.27 10.26 -6.16
CA ASP B 283 22.67 11.29 -5.22
C ASP B 283 22.56 10.79 -3.77
N LEU B 284 23.63 10.92 -3.00
CA LEU B 284 23.58 10.57 -1.58
C LEU B 284 24.08 11.71 -0.73
N THR B 285 23.21 12.34 0.05
CA THR B 285 23.62 13.45 0.90
C THR B 285 23.46 13.10 2.38
N PRO B 286 24.58 12.85 3.07
CA PRO B 286 24.52 12.54 4.49
C PRO B 286 23.79 13.62 5.28
N VAL B 287 23.04 13.22 6.30
CA VAL B 287 22.18 14.16 7.00
C VAL B 287 23.01 15.23 7.71
N ASP B 288 24.21 14.87 8.17
CA ASP B 288 25.02 15.79 8.95
C ASP B 288 25.50 16.98 8.11
N TYR B 289 25.65 16.78 6.80
CA TYR B 289 25.93 17.88 5.89
C TYR B 289 24.72 18.76 5.64
N VAL B 290 23.55 18.14 5.49
CA VAL B 290 22.32 18.90 5.28
C VAL B 290 22.01 19.77 6.48
N SER B 291 22.07 19.16 7.65
CA SER B 291 21.82 19.85 8.89
C SER B 291 22.70 21.09 9.03
N SER B 292 24.00 20.88 8.90
CA SER B 292 24.99 21.95 9.08
C SER B 292 24.86 23.05 8.04
N ALA B 293 24.62 22.68 6.79
CA ALA B 293 24.44 23.65 5.72
C ALA B 293 23.21 24.52 5.95
N ILE B 294 22.13 23.92 6.43
CA ILE B 294 20.90 24.66 6.70
C ILE B 294 21.13 25.71 7.78
N VAL B 295 21.75 25.29 8.88
CA VAL B 295 22.10 26.22 9.96
C VAL B 295 23.05 27.28 9.45
N ASP B 296 24.11 26.85 8.77
CA ASP B 296 25.08 27.74 8.16
C ASP B 296 24.43 28.82 7.29
N LEU B 297 23.71 28.40 6.26
CA LEU B 297 23.12 29.34 5.34
C LEU B 297 22.11 30.25 6.01
N SER B 298 21.46 29.75 7.04
CA SER B 298 20.36 30.47 7.68
C SER B 298 20.84 31.69 8.45
N ARG B 300 23.45 33.43 7.60
CA ARG B 300 24.04 34.36 6.63
C ARG B 300 22.96 35.29 6.09
N PRO B 301 23.13 36.62 6.27
CA PRO B 301 22.16 37.60 5.77
C PRO B 301 22.14 37.64 4.24
N GLU B 302 23.23 37.19 3.62
CA GLU B 302 23.33 37.06 2.17
C GLU B 302 22.34 36.02 1.62
N SER B 303 21.72 35.25 2.51
CA SER B 303 20.87 34.12 2.13
C SER B 303 19.42 34.48 1.84
N ILE B 304 18.90 35.50 2.52
CA ILE B 304 17.53 35.94 2.31
C ILE B 304 17.17 36.09 0.84
N GLY B 305 16.07 35.49 0.43
CA GLY B 305 15.62 35.58 -0.93
C GLY B 305 16.29 34.55 -1.81
N GLN B 306 17.31 33.89 -1.28
CA GLN B 306 18.06 32.95 -2.08
C GLN B 306 17.62 31.50 -1.87
N THR B 307 17.92 30.67 -2.86
CA THR B 307 17.53 29.28 -2.87
C THR B 307 18.75 28.40 -3.05
N TYR B 308 18.90 27.39 -2.22
CA TYR B 308 20.09 26.57 -2.30
C TYR B 308 19.77 25.10 -2.46
N HIS B 309 20.65 24.40 -3.16
CA HIS B 309 20.47 22.98 -3.41
C HIS B 309 21.45 22.16 -2.58
N LEU B 310 20.98 21.65 -1.45
CA LEU B 310 21.83 20.85 -0.59
C LEU B 310 21.87 19.41 -1.09
N VAL B 311 22.61 19.20 -2.17
CA VAL B 311 22.77 17.87 -2.74
C VAL B 311 24.25 17.49 -2.79
N ASN B 312 24.54 16.21 -2.87
CA ASN B 312 25.92 15.78 -3.04
C ASN B 312 26.45 16.24 -4.39
N PRO B 313 27.55 16.99 -4.39
CA PRO B 313 28.14 17.46 -5.65
C PRO B 313 28.65 16.31 -6.53
N GLN B 314 29.08 15.22 -5.91
CA GLN B 314 29.58 14.08 -6.67
C GLN B 314 28.52 12.99 -6.87
N PHE B 315 28.17 12.72 -8.12
CA PHE B 315 27.23 11.66 -8.46
C PHE B 315 27.88 10.30 -8.29
N VAL B 316 27.07 9.29 -8.04
CA VAL B 316 27.55 7.93 -8.01
C VAL B 316 26.70 7.13 -8.98
N ARG B 317 27.26 6.04 -9.48
CA ARG B 317 26.52 5.19 -10.39
C ARG B 317 25.98 3.98 -9.66
N ALA B 318 24.91 3.41 -10.20
CA ALA B 318 24.30 2.18 -9.68
C ALA B 318 25.31 1.09 -9.36
N ASP B 319 26.03 0.62 -10.38
CA ASP B 319 26.97 -0.48 -10.23
C ASP B 319 28.08 -0.18 -9.22
N GLU B 320 28.40 1.10 -9.08
CA GLU B 320 29.34 1.53 -8.05
C GLU B 320 28.81 1.15 -6.68
N TRP B 322 26.56 -0.97 -5.88
CA TRP B 322 26.48 -2.42 -5.73
C TRP B 322 27.85 -2.99 -5.41
N ASN B 323 28.90 -2.40 -5.99
CA ASN B 323 30.24 -2.82 -5.65
C ASN B 323 30.57 -2.57 -4.18
N TYR B 324 30.08 -1.46 -3.61
CA TYR B 324 30.43 -1.11 -2.23
C TYR B 324 29.76 -2.08 -1.26
N ARG B 326 28.68 -5.29 -2.03
CA ARG B 326 29.35 -6.58 -2.19
C ARG B 326 30.60 -6.61 -1.34
N ALA B 327 31.35 -5.51 -1.40
CA ALA B 327 32.56 -5.36 -0.62
C ALA B 327 32.30 -5.54 0.87
N PHE B 328 31.15 -5.07 1.34
CA PHE B 328 30.75 -5.20 2.72
C PHE B 328 30.43 -6.66 3.04
N GLY B 329 30.01 -7.41 2.02
CA GLY B 329 29.83 -8.84 2.18
C GLY B 329 28.55 -9.43 1.61
N TYR B 330 27.71 -8.58 1.01
CA TYR B 330 26.42 -9.00 0.46
C TYR B 330 26.47 -9.33 -1.02
N GLY B 331 26.11 -10.57 -1.38
CA GLY B 331 26.01 -10.96 -2.78
C GLY B 331 24.87 -10.25 -3.50
N LEU B 332 25.13 -9.82 -4.73
CA LEU B 332 24.12 -9.14 -5.51
C LEU B 332 24.26 -9.39 -7.00
N ARG B 333 23.32 -10.13 -7.57
CA ARG B 333 23.21 -10.26 -9.02
C ARG B 333 22.74 -8.93 -9.58
N VAL B 334 23.16 -8.58 -10.79
CA VAL B 334 22.71 -7.31 -11.35
C VAL B 334 21.88 -7.55 -12.58
N LEU B 335 20.64 -7.05 -12.54
CA LEU B 335 19.71 -7.17 -13.65
C LEU B 335 19.19 -5.82 -14.09
N PRO B 336 18.68 -5.75 -15.31
CA PRO B 336 18.00 -4.54 -15.81
C PRO B 336 16.78 -4.25 -14.98
N TYR B 337 16.50 -2.96 -14.79
CA TYR B 337 15.47 -2.51 -13.86
C TYR B 337 14.13 -3.22 -14.00
N ASP B 338 13.63 -3.34 -15.22
CA ASP B 338 12.36 -3.99 -15.47
C ASP B 338 12.38 -5.45 -15.05
N GLN B 339 13.48 -6.14 -15.34
CA GLN B 339 13.63 -7.54 -15.00
C GLN B 339 13.85 -7.71 -13.52
N TRP B 340 14.55 -6.75 -12.93
CA TRP B 340 14.68 -6.72 -11.49
C TRP B 340 13.32 -6.44 -10.84
N LEU B 341 12.56 -5.53 -11.45
CA LEU B 341 11.25 -5.19 -10.96
C LEU B 341 10.28 -6.36 -11.06
N SER B 342 10.43 -7.16 -12.11
CA SER B 342 9.61 -8.33 -12.27
C SER B 342 9.89 -9.36 -11.18
N GLU B 343 11.16 -9.58 -10.87
CA GLU B 343 11.52 -10.55 -9.85
C GLU B 343 11.12 -10.07 -8.47
N LEU B 344 10.99 -8.76 -8.34
CA LEU B 344 10.48 -8.18 -7.11
C LEU B 344 9.02 -8.59 -6.97
N GLY B 345 8.30 -8.52 -8.09
CA GLY B 345 6.91 -8.95 -8.15
C GLY B 345 6.77 -10.38 -7.68
N SER B 346 7.52 -11.27 -8.29
CA SER B 346 7.47 -12.68 -7.92
C SER B 346 7.73 -12.85 -6.44
N ALA B 347 8.66 -12.08 -5.90
CA ALA B 347 9.08 -12.27 -4.52
C ALA B 347 8.06 -11.79 -3.52
N ALA B 348 7.24 -10.83 -3.93
CA ALA B 348 6.31 -10.18 -3.02
C ALA B 348 5.10 -11.02 -2.70
N SER B 349 4.99 -12.16 -3.38
CA SER B 349 3.88 -13.09 -3.16
C SER B 349 3.80 -13.53 -1.71
N SER B 350 4.96 -13.87 -1.15
CA SER B 350 5.07 -14.36 0.21
C SER B 350 5.67 -13.42 1.26
N ASP B 351 5.90 -12.18 0.87
CA ASP B 351 6.76 -11.27 1.60
C ASP B 351 6.14 -9.87 1.68
N SER B 352 5.46 -9.62 2.79
CA SER B 352 4.70 -8.39 2.99
C SER B 352 5.54 -7.15 2.69
N GLU B 353 6.69 -7.07 3.36
CA GLU B 353 7.59 -5.94 3.29
C GLU B 353 8.19 -5.77 1.89
N LEU B 354 8.29 -6.88 1.15
CA LEU B 354 8.68 -6.86 -0.25
C LEU B 354 7.55 -6.31 -1.08
N GLY B 355 6.35 -6.78 -0.79
CA GLY B 355 5.15 -6.27 -1.44
C GLY B 355 5.02 -4.79 -1.15
N ASP B 356 5.24 -4.41 0.10
CA ASP B 356 5.17 -3.00 0.49
C ASP B 356 6.10 -2.16 -0.37
N LEU B 357 7.32 -2.63 -0.58
CA LEU B 357 8.29 -1.88 -1.38
C LEU B 357 7.84 -1.78 -2.83
N LEU B 358 7.29 -2.88 -3.33
CA LEU B 358 6.81 -2.98 -4.70
C LEU B 358 5.74 -1.93 -5.02
N PHE B 360 5.60 1.16 -4.01
CA PHE B 360 6.26 2.44 -4.28
C PHE B 360 6.70 2.58 -5.74
N LEU B 361 7.18 1.47 -6.30
CA LEU B 361 7.83 1.48 -7.61
C LEU B 361 6.84 1.28 -8.73
N GLN B 362 5.75 0.57 -8.43
CA GLN B 362 4.76 0.27 -9.44
C GLN B 362 3.97 1.52 -9.77
N GLN B 363 3.88 2.43 -8.82
CA GLN B 363 3.11 3.66 -8.98
C GLN B 363 3.83 4.70 -9.83
N VAL B 364 5.15 4.57 -9.95
CA VAL B 364 5.91 5.49 -10.78
C VAL B 364 5.45 5.35 -12.23
N PRO B 365 5.31 6.49 -12.93
CA PRO B 365 4.95 6.55 -14.34
C PRO B 365 5.84 5.69 -15.24
N PRO B 366 5.32 5.31 -16.41
CA PRO B 366 6.00 4.39 -17.30
C PRO B 366 7.40 4.82 -17.72
N GLU B 367 7.62 6.13 -17.83
CA GLU B 367 8.92 6.64 -18.23
C GLU B 367 10.00 6.29 -17.21
N ASP B 368 9.59 6.10 -15.96
CA ASP B 368 10.51 5.79 -14.88
C ASP B 368 10.37 4.34 -14.40
N ARG B 369 9.70 3.53 -15.19
CA ARG B 369 9.53 2.11 -14.88
C ARG B 369 10.14 1.31 -16.02
N SER B 370 10.85 2.01 -16.90
CA SER B 370 11.42 1.40 -18.10
C SER B 370 12.77 0.72 -17.83
N VAL B 371 13.51 0.47 -18.89
CA VAL B 371 14.79 -0.24 -18.81
C VAL B 371 15.76 0.43 -17.85
N GLY B 372 16.13 1.66 -18.16
CA GLY B 372 17.06 2.40 -17.33
C GLY B 372 16.53 2.66 -15.94
N GLY B 373 15.27 2.29 -15.72
CA GLY B 373 14.64 2.49 -14.43
C GLY B 373 14.11 3.89 -14.26
N PRO B 374 13.80 4.27 -13.02
CA PRO B 374 13.20 5.57 -12.72
C PRO B 374 14.12 6.73 -13.09
N ARG B 375 13.56 7.79 -13.64
CA ARG B 375 14.31 9.01 -13.84
C ARG B 375 14.53 9.64 -12.47
N VAL B 377 16.14 13.68 -10.79
CA VAL B 377 16.63 15.02 -11.09
C VAL B 377 18.11 15.25 -10.79
N VAL B 378 18.73 16.11 -11.59
CA VAL B 378 20.13 16.48 -11.40
C VAL B 378 20.25 17.99 -11.20
N CYS B 379 20.89 18.39 -10.11
CA CYS B 379 20.97 19.81 -9.74
C CYS B 379 22.40 20.35 -9.71
N ASP B 380 22.53 21.67 -9.72
CA ASP B 380 23.81 22.31 -9.46
C ASP B 380 23.79 22.93 -8.07
N SER B 381 24.93 22.89 -7.39
CA SER B 381 25.06 23.53 -6.08
C SER B 381 26.22 24.52 -6.01
N GLY B 382 26.44 25.22 -7.11
CA GLY B 382 27.49 26.22 -7.16
C GLY B 382 27.31 27.28 -6.10
N ASP B 383 26.11 27.88 -6.07
CA ASP B 383 25.81 28.98 -5.17
C ASP B 383 25.97 28.57 -3.71
N THR B 384 25.86 27.27 -3.47
CA THR B 384 26.03 26.74 -2.13
C THR B 384 27.50 26.67 -1.73
N LEU B 385 28.35 26.36 -2.70
CA LEU B 385 29.78 26.23 -2.45
C LEU B 385 30.41 27.55 -2.01
N LYS B 386 30.09 28.62 -2.74
CA LYS B 386 30.61 29.94 -2.45
C LYS B 386 30.09 30.42 -1.09
N ALA B 387 28.79 30.25 -0.88
CA ALA B 387 28.17 30.64 0.37
C ALA B 387 28.84 29.89 1.52
N LEU B 388 29.15 28.63 1.29
CA LEU B 388 29.86 27.81 2.26
C LEU B 388 31.32 27.79 1.81
N GLY B 389 31.97 28.95 1.87
CA GLY B 389 33.32 29.12 1.37
C GLY B 389 34.22 28.44 2.38
N GLY B 390 34.40 29.07 3.53
CA GLY B 390 35.18 28.48 4.61
C GLY B 390 34.32 28.29 5.86
N THR B 391 33.77 27.09 6.02
CA THR B 391 32.91 26.80 7.15
C THR B 391 33.37 25.53 7.86
N GLY B 392 34.25 24.79 7.19
CA GLY B 392 34.60 23.44 7.60
C GLY B 392 33.41 22.54 7.28
N THR B 393 32.49 23.07 6.49
CA THR B 393 31.25 22.40 6.15
C THR B 393 31.23 22.02 4.68
N SER B 394 31.41 20.75 4.40
CA SER B 394 31.34 20.26 3.02
C SER B 394 30.69 18.88 3.01
N CYS B 395 30.26 18.43 1.84
CA CYS B 395 29.58 17.14 1.74
C CYS B 395 30.56 15.98 1.65
N PRO B 396 30.47 15.04 2.60
CA PRO B 396 31.28 13.81 2.54
C PRO B 396 31.14 13.08 1.19
N SER B 397 32.14 12.28 0.83
CA SER B 397 32.10 11.56 -0.43
C SER B 397 31.44 10.19 -0.29
N VAL B 398 30.89 9.69 -1.39
CA VAL B 398 30.33 8.35 -1.41
C VAL B 398 31.38 7.35 -1.88
N ASP B 399 31.65 6.35 -1.06
CA ASP B 399 32.72 5.41 -1.29
C ASP B 399 32.40 4.22 -0.43
N ALA B 400 33.18 3.15 -0.57
CA ALA B 400 32.98 1.95 0.22
C ALA B 400 32.93 2.29 1.69
N SER B 401 33.78 3.22 2.07
CA SER B 401 33.90 3.64 3.46
C SER B 401 32.58 4.19 4.00
N LEU B 402 31.93 5.06 3.24
CA LEU B 402 30.66 5.62 3.68
C LEU B 402 29.62 4.53 3.79
N ILE B 403 29.60 3.66 2.80
CA ILE B 403 28.61 2.61 2.72
C ILE B 403 28.85 1.61 3.83
N SER B 404 30.10 1.39 4.20
CA SER B 404 30.39 0.50 5.30
C SER B 404 29.84 1.06 6.60
N THR B 405 30.02 2.38 6.82
CA THR B 405 29.50 3.02 8.03
C THR B 405 27.99 2.86 8.12
N TYR B 406 27.35 3.07 6.97
CA TYR B 406 25.91 2.94 6.84
C TYR B 406 25.43 1.53 7.17
N LEU B 407 26.02 0.52 6.54
CA LEU B 407 25.55 -0.86 6.73
C LEU B 407 25.81 -1.42 8.12
N SER B 408 26.94 -1.07 8.72
CA SER B 408 27.27 -1.50 10.08
C SER B 408 26.18 -1.08 11.07
N SER B 409 25.71 0.15 10.90
CA SER B 409 24.72 0.75 11.77
C SER B 409 23.43 -0.03 11.69
N LEU B 410 23.02 -0.27 10.46
CA LEU B 410 21.77 -0.97 10.20
C LEU B 410 21.84 -2.42 10.65
N VAL B 411 22.99 -3.06 10.48
CA VAL B 411 23.17 -4.40 11.04
C VAL B 411 23.11 -4.32 12.54
N HIS B 412 23.77 -3.31 13.09
CA HIS B 412 23.81 -3.14 14.52
C HIS B 412 22.43 -2.85 15.09
N ARG B 413 21.70 -1.96 14.44
CA ARG B 413 20.34 -1.63 14.83
C ARG B 413 19.40 -2.81 14.65
N GLY B 414 19.83 -3.81 13.89
CA GLY B 414 19.04 -5.01 13.69
C GLY B 414 18.06 -4.92 12.54
N PHE B 415 18.20 -3.88 11.74
CA PHE B 415 17.40 -3.71 10.52
C PHE B 415 17.85 -4.72 9.48
N LEU B 416 19.16 -4.98 9.44
CA LEU B 416 19.74 -5.90 8.47
C LEU B 416 20.40 -7.09 9.15
N LYS B 417 20.24 -8.26 8.54
CA LYS B 417 21.03 -9.41 8.96
C LYS B 417 22.45 -9.20 8.48
N ALA B 418 23.43 -9.53 9.32
CA ALA B 418 24.83 -9.35 8.98
C ALA B 418 25.18 -10.26 7.82
N PRO B 419 26.31 -10.00 7.13
CA PRO B 419 26.74 -10.86 6.03
C PRO B 419 27.48 -12.09 6.53
N GLU B 420 27.60 -13.11 5.68
CA GLU B 420 28.43 -14.30 5.89
C GLU B 420 28.64 -14.84 7.32
#